data_5E4L
#
_entry.id   5E4L
#
_cell.length_a   74.270
_cell.length_b   102.700
_cell.length_c   87.760
_cell.angle_alpha   90.00
_cell.angle_beta   94.54
_cell.angle_gamma   90.00
#
_symmetry.space_group_name_H-M   'P 1 21 1'
#
loop_
_entity.id
_entity.type
_entity.pdbx_description
1 polymer 'C-type mannose receptor 2'
2 non-polymer 'CALCIUM ION'
3 non-polymer 2-acetamido-2-deoxy-beta-D-glucopyranose
4 water water
#
_entity_poly.entity_id   1
_entity_poly.type   'polypeptide(L)'
_entity_poly.pdbx_seq_one_letter_code
;RSGAPGDAALPEPNIFLIFSHGLQGCLEAQGGQVRVTPACNTSLPAQRWKWVSRNRLFNLGTMQCLGTGWPGTNTTASLG
MYECDREALNLRWHCRTLGDQLSLLLGARTSNISKPGTLERGDQTRSGQWRIYGSEEDLCALPYHEVYTIQGNSHGKPCT
IPFKYDNQWFHGCTSTGREDGHLWCATTQDYGKDERWGFCPIKSNDCETFWDKDQLTDSCYQFNFQSTLSWREAWASCEQ
QGADLLSITEIHEQTYINGLLTGYSSTLWIGLNDLDTSGGWQWSDNSPLKYLNWESDQPDNPSEENCGVIRTESSGGWQN
RDCSIALPYVCKKKPNATAEPTPPDRWANVKVECEPSWQPFQGHCYRLQAEKRSWQESKKACLRGGGDLVSIHSMAELEF
ITKQIKQEVEELWIGLNDLKLQMNFEWSDGSLVSFTHWHPFEPNNFRDSLEDCVTIWGPEGRWNDSPCNQSLPSICKKAG
QLTRTGHHHHHH
;
_entity_poly.pdbx_strand_id   A,B
#
loop_
_chem_comp.id
_chem_comp.type
_chem_comp.name
_chem_comp.formula
CA non-polymer 'CALCIUM ION' 'Ca 2'
NAG D-saccharide, beta linking 2-acetamido-2-deoxy-beta-D-glucopyranose 'C8 H15 N O6'
#
# COMPACT_ATOMS: atom_id res chain seq x y z
N GLU A 12 11.22 37.83 12.76
CA GLU A 12 11.01 36.59 13.49
C GLU A 12 9.74 36.68 14.33
N PRO A 13 8.90 35.65 14.28
CA PRO A 13 7.64 35.68 15.01
C PRO A 13 7.84 35.39 16.50
N ASN A 14 6.94 35.96 17.30
CA ASN A 14 6.84 35.72 18.72
C ASN A 14 7.92 36.44 19.51
N ILE A 15 8.77 37.24 18.88
CA ILE A 15 9.71 38.11 19.58
C ILE A 15 9.03 39.44 19.89
N PHE A 16 9.19 39.93 21.12
CA PHE A 16 8.53 41.16 21.51
C PHE A 16 9.46 42.00 22.39
N LEU A 17 9.21 43.30 22.38
CA LEU A 17 9.76 44.19 23.36
C LEU A 17 8.76 44.37 24.48
N ILE A 18 9.26 44.55 25.69
CA ILE A 18 8.44 44.72 26.89
C ILE A 18 8.45 46.19 27.31
N PHE A 19 7.32 46.86 27.17
CA PHE A 19 7.21 48.30 27.42
C PHE A 19 6.51 48.54 28.74
N SER A 20 7.14 49.34 29.60
CA SER A 20 6.53 49.82 30.83
C SER A 20 5.88 51.17 30.60
N HIS A 21 4.58 51.28 30.90
CA HIS A 21 3.89 52.56 30.76
C HIS A 21 4.27 53.50 31.90
N GLY A 22 4.33 52.98 33.12
CA GLY A 22 4.77 53.74 34.27
C GLY A 22 6.15 54.34 34.12
N LEU A 23 7.17 53.51 33.91
CA LEU A 23 8.53 54.04 33.80
C LEU A 23 8.87 54.49 32.39
N GLN A 24 7.94 54.36 31.45
CA GLN A 24 8.11 54.83 30.07
C GLN A 24 9.42 54.31 29.46
N GLY A 25 9.46 53.00 29.19
CA GLY A 25 10.65 52.42 28.60
C GLY A 25 10.53 50.91 28.43
N CYS A 26 11.59 50.32 27.85
CA CYS A 26 11.62 48.90 27.52
C CYS A 26 12.64 48.16 28.38
N LEU A 27 12.29 46.94 28.77
CA LEU A 27 13.18 46.08 29.52
C LEU A 27 14.32 45.63 28.63
N GLU A 28 15.54 45.67 29.16
CA GLU A 28 16.69 45.24 28.39
C GLU A 28 17.70 44.52 29.27
N ALA A 29 18.50 43.69 28.60
CA ALA A 29 19.55 42.89 29.23
C ALA A 29 20.86 43.21 28.52
N GLN A 30 21.82 43.70 29.29
CA GLN A 30 23.09 44.23 28.79
C GLN A 30 24.02 44.36 29.98
N GLY A 31 25.33 44.33 29.70
CA GLY A 31 26.35 44.67 30.69
C GLY A 31 26.21 43.95 32.03
N GLY A 32 25.55 42.78 32.01
CA GLY A 32 25.27 42.05 33.23
C GLY A 32 24.17 42.62 34.07
N GLN A 33 23.32 43.49 33.50
CA GLN A 33 22.20 44.06 34.23
C GLN A 33 20.89 43.82 33.48
N VAL A 34 19.80 43.87 34.22
CA VAL A 34 18.45 43.99 33.68
C VAL A 34 17.89 45.35 34.10
N ARG A 35 17.41 46.12 33.13
CA ARG A 35 17.02 47.50 33.43
C ARG A 35 16.07 48.00 32.36
N VAL A 36 15.34 49.08 32.68
CA VAL A 36 14.45 49.75 31.75
C VAL A 36 15.20 50.88 31.06
N THR A 37 15.27 50.85 29.74
CA THR A 37 15.93 51.87 28.96
C THR A 37 14.91 52.77 28.28
N PRO A 38 14.99 54.08 28.48
CA PRO A 38 13.99 54.97 27.86
C PRO A 38 14.05 55.01 26.35
N ALA A 39 15.14 54.54 25.72
CA ALA A 39 15.20 54.55 24.27
C ALA A 39 14.84 53.15 23.76
N CYS A 40 13.58 52.99 23.40
CA CYS A 40 13.11 51.71 22.93
C CYS A 40 13.50 51.55 21.47
N ASN A 41 14.00 50.37 21.12
CA ASN A 41 14.42 50.08 19.77
C ASN A 41 14.01 48.66 19.43
N THR A 42 13.16 48.48 18.42
CA THR A 42 12.69 47.13 18.11
C THR A 42 13.78 46.25 17.52
N SER A 43 14.88 46.84 17.07
CA SER A 43 15.95 46.12 16.39
C SER A 43 17.14 45.78 17.27
N LEU A 44 17.12 46.11 18.55
CA LEU A 44 18.27 45.85 19.40
C LEU A 44 18.08 44.52 20.13
N PRO A 45 18.99 43.55 19.96
CA PRO A 45 18.78 42.23 20.59
C PRO A 45 18.64 42.29 22.11
N ALA A 46 19.28 43.26 22.76
CA ALA A 46 19.19 43.39 24.21
C ALA A 46 17.77 43.67 24.68
N GLN A 47 16.92 44.22 23.81
CA GLN A 47 15.55 44.57 24.13
C GLN A 47 14.54 43.54 23.64
N ARG A 48 14.98 42.45 23.02
CA ARG A 48 14.10 41.52 22.32
C ARG A 48 13.92 40.22 23.12
N TRP A 49 12.68 39.87 23.39
CA TRP A 49 12.36 38.78 24.28
C TRP A 49 11.47 37.75 23.58
N LYS A 50 11.47 36.54 24.14
CA LYS A 50 10.63 35.46 23.63
C LYS A 50 10.22 34.58 24.78
N TRP A 51 8.95 34.15 24.79
CA TRP A 51 8.52 33.08 25.68
C TRP A 51 9.03 31.73 25.15
N VAL A 52 9.67 30.95 26.02
CA VAL A 52 10.21 29.64 25.64
C VAL A 52 9.66 28.59 26.59
N SER A 53 10.23 27.40 26.57
CA SER A 53 9.58 26.32 27.30
C SER A 53 9.81 26.46 28.80
N ARG A 54 8.90 25.84 29.56
CA ARG A 54 8.99 25.78 31.01
C ARG A 54 8.88 27.17 31.64
N ASN A 55 8.04 28.00 31.03
CA ASN A 55 7.66 29.30 31.54
C ASN A 55 8.85 30.25 31.63
N ARG A 56 9.77 30.13 30.70
CA ARG A 56 10.99 30.90 30.78
C ARG A 56 10.94 32.04 29.78
N LEU A 57 11.60 33.13 30.11
CA LEU A 57 11.61 34.33 29.28
C LEU A 57 13.02 34.52 28.74
N PHE A 58 13.19 34.34 27.44
CA PHE A 58 14.48 34.34 26.77
C PHE A 58 14.82 35.71 26.18
N ASN A 59 16.06 36.16 26.39
CA ASN A 59 16.52 37.44 25.84
C ASN A 59 17.45 37.19 24.66
N LEU A 60 17.16 37.82 23.54
CA LEU A 60 17.88 37.47 22.31
C LEU A 60 19.32 37.99 22.33
N GLY A 61 19.56 39.16 22.91
CA GLY A 61 20.90 39.72 22.86
C GLY A 61 21.84 39.09 23.85
N THR A 62 21.33 38.69 25.00
CA THR A 62 22.11 37.97 25.99
C THR A 62 22.12 36.45 25.78
N MET A 63 21.14 35.89 25.06
CA MET A 63 20.95 34.44 24.95
C MET A 63 20.78 33.75 26.31
N GLN A 64 20.10 34.41 27.23
CA GLN A 64 19.89 33.84 28.53
C GLN A 64 18.44 34.09 28.95
N CYS A 65 18.08 33.57 30.11
CA CYS A 65 16.71 33.65 30.61
C CYS A 65 16.63 34.53 31.84
N LEU A 66 15.53 35.25 31.95
CA LEU A 66 15.29 36.10 33.12
C LEU A 66 15.05 35.23 34.35
N GLY A 67 15.67 35.61 35.47
CA GLY A 67 15.47 34.91 36.72
C GLY A 67 15.83 35.67 37.97
N THR A 68 15.49 35.04 39.10
CA THR A 68 15.97 35.41 40.41
C THR A 68 16.63 34.19 41.05
N GLY A 69 17.49 34.44 42.03
CA GLY A 69 18.29 33.41 42.63
C GLY A 69 17.76 32.94 43.98
N TRP A 70 18.48 31.98 44.54
CA TRP A 70 18.28 31.50 45.89
C TRP A 70 19.56 31.72 46.70
N PRO A 71 19.92 32.96 46.99
CA PRO A 71 21.14 33.21 47.75
C PRO A 71 21.05 32.75 49.20
N GLY A 72 22.22 32.51 49.79
CA GLY A 72 22.29 32.27 51.23
C GLY A 72 21.78 33.41 52.07
N THR A 73 21.84 34.65 51.56
CA THR A 73 21.25 35.78 52.29
C THR A 73 19.77 35.78 51.98
N ASN A 74 18.89 35.50 52.96
CA ASN A 74 17.47 35.37 52.60
C ASN A 74 16.87 36.78 52.59
N THR A 75 16.77 37.37 51.41
CA THR A 75 16.52 38.79 51.31
C THR A 75 15.78 39.03 50.00
N THR A 76 15.41 40.28 49.72
CA THR A 76 14.60 40.56 48.55
C THR A 76 15.37 40.19 47.30
N ALA A 77 14.66 39.67 46.31
CA ALA A 77 15.23 39.27 45.01
C ALA A 77 15.36 40.45 44.04
N SER A 78 16.27 40.29 43.09
CA SER A 78 16.36 41.21 41.96
C SER A 78 16.47 40.42 40.66
N LEU A 79 16.16 41.10 39.57
CA LEU A 79 16.22 40.51 38.26
C LEU A 79 17.65 40.26 37.84
N GLY A 80 17.89 39.11 37.19
CA GLY A 80 19.17 38.81 36.60
C GLY A 80 18.96 37.96 35.37
N MET A 81 20.05 37.78 34.64
CA MET A 81 20.08 36.96 33.43
C MET A 81 20.92 35.72 33.68
N TYR A 82 20.42 34.55 33.26
CA TYR A 82 21.06 33.27 33.57
C TYR A 82 21.01 32.32 32.38
N GLU A 83 22.03 31.48 32.32
CA GLU A 83 22.02 30.32 31.44
C GLU A 83 20.73 29.56 31.64
N CYS A 84 20.06 29.25 30.54
CA CYS A 84 18.69 28.78 30.62
C CYS A 84 18.57 27.33 31.10
N ASP A 85 19.66 26.57 31.15
CA ASP A 85 19.59 25.23 31.72
C ASP A 85 19.76 25.20 33.24
N ARG A 86 19.86 26.35 33.93
CA ARG A 86 20.11 26.28 35.36
C ARG A 86 18.76 26.39 36.03
N GLU A 87 18.14 25.22 36.26
CA GLU A 87 16.75 25.17 36.68
C GLU A 87 16.63 25.02 38.19
N ALA A 88 17.77 24.89 38.87
CA ALA A 88 17.81 25.16 40.30
C ALA A 88 17.36 26.59 40.64
N LEU A 89 17.62 27.57 39.75
CA LEU A 89 17.27 28.96 40.02
C LEU A 89 15.81 29.20 39.70
N ASN A 90 15.31 30.39 40.02
CA ASN A 90 13.94 30.68 39.64
C ASN A 90 14.01 31.36 38.27
N LEU A 91 13.79 30.57 37.22
CA LEU A 91 13.71 31.03 35.85
C LEU A 91 12.28 31.04 35.34
N ARG A 92 11.32 30.81 36.22
CA ARG A 92 9.94 30.56 35.83
C ARG A 92 9.09 31.80 36.06
N TRP A 93 8.47 32.32 35.00
CA TRP A 93 7.55 33.44 35.09
C TRP A 93 6.17 32.99 34.59
N HIS A 94 5.23 33.92 34.71
CA HIS A 94 3.86 33.74 34.25
C HIS A 94 3.40 35.04 33.61
N CYS A 95 2.94 34.97 32.36
CA CYS A 95 2.80 36.17 31.54
C CYS A 95 1.77 37.12 32.10
N ARG A 96 0.85 36.63 32.93
CA ARG A 96 -0.29 37.40 33.38
C ARG A 96 0.08 38.33 34.54
N THR A 97 1.00 37.86 35.40
CA THR A 97 1.53 38.61 36.52
C THR A 97 2.93 39.16 36.28
N LEU A 98 3.50 38.97 35.09
CA LEU A 98 4.89 39.38 34.85
C LEU A 98 5.08 40.88 35.03
N GLY A 99 4.16 41.70 34.52
CA GLY A 99 4.30 43.15 34.63
C GLY A 99 4.40 43.60 36.08
N ASP A 100 3.44 43.17 36.91
CA ASP A 100 3.49 43.43 38.34
C ASP A 100 4.79 42.96 38.97
N GLN A 101 5.30 41.82 38.54
CA GLN A 101 6.49 41.32 39.21
C GLN A 101 7.73 42.06 38.74
N LEU A 102 7.82 42.40 37.45
CA LEU A 102 8.88 43.29 36.98
C LEU A 102 8.93 44.59 37.78
N SER A 103 7.78 45.27 37.88
CA SER A 103 7.74 46.49 38.68
C SER A 103 8.20 46.22 40.09
N LEU A 104 7.66 45.16 40.70
CA LEU A 104 8.02 44.87 42.08
C LEU A 104 9.52 44.63 42.22
N LEU A 105 10.09 43.74 41.40
CA LEU A 105 11.49 43.38 41.54
C LEU A 105 12.43 44.49 41.04
N LEU A 106 12.01 45.34 40.09
CA LEU A 106 12.85 46.49 39.74
C LEU A 106 13.08 47.39 40.95
N GLY A 107 12.11 47.48 41.84
CA GLY A 107 12.31 48.22 43.05
C GLY A 107 12.37 49.73 42.86
N ALA A 108 12.88 50.39 43.88
CA ALA A 108 13.08 51.83 43.77
C ALA A 108 14.33 52.20 44.53
N ARG A 109 15.16 53.02 43.91
CA ARG A 109 16.22 53.66 44.66
C ARG A 109 15.64 54.88 45.41
N THR A 110 16.32 55.30 46.49
CA THR A 110 15.85 56.49 47.18
C THR A 110 15.78 57.70 46.24
N SER A 111 16.73 57.81 45.30
CA SER A 111 16.67 58.86 44.27
C SER A 111 15.35 58.88 43.54
N ASN A 112 14.79 57.70 43.25
CA ASN A 112 13.55 57.62 42.47
C ASN A 112 12.37 58.18 43.25
N ILE A 113 12.35 58.03 44.58
CA ILE A 113 11.22 58.49 45.38
C ILE A 113 11.50 59.79 46.11
N SER A 114 12.67 60.42 45.92
CA SER A 114 12.88 61.75 46.46
C SER A 114 13.52 62.62 45.39
N LYS A 115 12.70 63.21 44.55
CA LYS A 115 13.03 64.01 43.39
C LYS A 115 12.98 65.48 43.78
N PRO A 116 13.77 66.34 43.14
CA PRO A 116 13.50 67.78 43.29
C PRO A 116 12.07 68.06 42.84
N GLY A 117 11.45 69.03 43.51
CA GLY A 117 10.08 69.41 43.18
C GLY A 117 9.05 68.40 43.60
N THR A 118 9.13 67.98 44.88
CA THR A 118 8.24 66.97 45.49
C THR A 118 8.08 65.73 44.61
N GLY A 128 1.17 51.76 36.34
CA GLY A 128 2.25 51.31 35.49
C GLY A 128 2.00 49.93 34.87
N GLN A 129 1.18 49.88 33.83
CA GLN A 129 0.97 48.65 33.10
C GLN A 129 2.12 48.39 32.14
N TRP A 130 2.41 47.11 31.92
CA TRP A 130 3.38 46.69 30.92
C TRP A 130 2.66 46.02 29.77
N ARG A 131 3.24 46.14 28.58
CA ARG A 131 2.61 45.70 27.34
C ARG A 131 3.72 45.42 26.34
N ILE A 132 3.38 44.65 25.30
CA ILE A 132 4.26 44.55 24.15
C ILE A 132 4.38 45.93 23.52
N TYR A 133 5.61 46.36 23.26
CA TYR A 133 5.85 47.59 22.52
C TYR A 133 5.31 47.47 21.11
N GLY A 134 4.89 48.60 20.52
CA GLY A 134 4.03 48.46 19.35
C GLY A 134 2.60 48.09 19.70
N SER A 135 2.17 46.87 19.34
CA SER A 135 0.77 46.47 19.40
C SER A 135 0.07 46.82 20.72
N GLU A 136 0.80 46.96 21.81
CA GLU A 136 0.26 47.28 23.13
C GLU A 136 -0.64 46.17 23.68
N GLU A 137 -0.43 44.94 23.23
CA GLU A 137 -1.11 43.80 23.80
C GLU A 137 -0.51 43.44 25.16
N ASP A 138 -1.24 42.63 25.93
CA ASP A 138 -0.72 42.17 27.21
C ASP A 138 0.37 41.11 26.99
N LEU A 139 1.26 40.98 27.99
CA LEU A 139 2.46 40.15 27.86
C LEU A 139 2.16 38.67 27.64
N CYS A 140 0.89 38.27 27.68
CA CYS A 140 0.44 36.94 27.27
C CYS A 140 0.15 36.87 25.78
N ALA A 141 0.34 37.97 25.05
CA ALA A 141 -0.06 38.01 23.64
C ALA A 141 0.59 36.90 22.82
N LEU A 142 1.88 36.63 23.07
CA LEU A 142 2.66 35.71 22.24
C LEU A 142 3.14 34.53 23.10
N PRO A 143 2.22 33.66 23.49
CA PRO A 143 2.61 32.53 24.32
C PRO A 143 3.55 31.61 23.56
N TYR A 144 4.21 30.75 24.31
CA TYR A 144 5.02 29.70 23.73
C TYR A 144 4.14 28.51 23.38
N HIS A 145 4.31 27.97 22.18
CA HIS A 145 3.62 26.74 21.80
C HIS A 145 4.63 25.65 21.51
N GLU A 146 4.41 24.48 22.10
CA GLU A 146 5.20 23.30 21.80
C GLU A 146 5.01 22.86 20.36
N VAL A 147 6.11 22.34 19.82
CA VAL A 147 6.29 22.04 18.42
C VAL A 147 6.77 20.60 18.36
N TYR A 148 5.93 19.70 17.85
CA TYR A 148 6.29 18.29 17.86
C TYR A 148 7.24 18.00 16.71
N THR A 149 8.30 17.24 17.00
CA THR A 149 9.26 16.94 15.96
C THR A 149 8.74 15.86 15.00
N ILE A 150 9.32 15.88 13.80
CA ILE A 150 8.97 14.99 12.68
C ILE A 150 10.21 14.16 12.37
N GLN A 151 10.06 12.83 12.38
CA GLN A 151 11.18 11.90 12.12
C GLN A 151 12.26 12.21 13.15
N GLY A 152 13.53 12.30 12.78
CA GLY A 152 14.52 12.38 13.83
C GLY A 152 14.58 11.07 14.62
N ASN A 153 15.25 11.15 15.77
CA ASN A 153 15.40 10.05 16.72
C ASN A 153 14.60 10.23 18.03
N SER A 154 13.71 11.21 18.10
CA SER A 154 13.05 11.58 19.35
C SER A 154 11.62 11.08 19.49
N HIS A 155 11.12 10.30 18.54
CA HIS A 155 9.76 9.76 18.65
C HIS A 155 8.69 10.87 18.75
N GLY A 156 8.94 12.03 18.17
CA GLY A 156 7.96 13.08 18.02
C GLY A 156 7.92 14.05 19.16
N LYS A 157 8.80 13.90 20.13
CA LYS A 157 8.80 14.73 21.31
C LYS A 157 9.01 16.19 20.92
N PRO A 158 8.40 17.13 21.65
CA PRO A 158 8.47 18.54 21.24
C PRO A 158 9.90 19.07 21.26
N CYS A 159 10.13 20.11 20.47
CA CYS A 159 11.39 20.82 20.57
C CYS A 159 11.62 21.28 22.00
N THR A 160 12.87 21.21 22.43
CA THR A 160 13.31 21.87 23.65
C THR A 160 13.83 23.24 23.24
N ILE A 161 13.08 24.28 23.58
CA ILE A 161 13.41 25.67 23.30
C ILE A 161 13.71 26.38 24.60
N PRO A 162 14.89 26.96 24.74
CA PRO A 162 16.07 26.89 23.88
C PRO A 162 16.88 25.60 24.06
N PHE A 163 17.73 25.29 23.09
CA PHE A 163 18.66 24.17 23.19
C PHE A 163 20.04 24.67 22.81
N LYS A 164 21.07 23.99 23.30
CA LYS A 164 22.41 24.33 22.89
C LYS A 164 22.85 23.39 21.77
N TYR A 165 23.50 23.95 20.76
CA TYR A 165 24.07 23.18 19.68
C TYR A 165 25.42 23.77 19.33
N ASP A 166 26.47 22.96 19.36
CA ASP A 166 27.84 23.42 19.11
C ASP A 166 28.13 24.71 19.87
N ASN A 167 27.83 24.69 21.17
CA ASN A 167 28.11 25.77 22.11
C ASN A 167 27.39 27.08 21.78
N GLN A 168 26.29 27.03 21.03
CA GLN A 168 25.42 28.17 20.86
C GLN A 168 24.01 27.82 21.34
N TRP A 169 23.27 28.83 21.80
CA TRP A 169 21.89 28.66 22.22
C TRP A 169 20.96 29.05 21.07
N PHE A 170 19.95 28.22 20.82
CA PHE A 170 18.94 28.49 19.80
C PHE A 170 17.59 28.66 20.47
N HIS A 171 16.90 29.75 20.13
CA HIS A 171 15.58 30.03 20.68
C HIS A 171 14.46 29.61 19.73
N GLY A 172 14.80 28.89 18.67
CA GLY A 172 13.79 28.28 17.84
C GLY A 172 14.46 27.24 16.94
N CYS A 173 13.72 26.81 15.94
CA CYS A 173 14.25 25.88 14.95
C CYS A 173 15.33 26.55 14.11
N THR A 174 16.19 25.73 13.52
CA THR A 174 17.35 26.23 12.81
C THR A 174 17.77 25.25 11.73
N SER A 175 18.43 25.75 10.67
CA SER A 175 19.09 24.89 9.70
C SER A 175 20.58 24.70 9.99
N THR A 176 21.12 25.42 10.97
CA THR A 176 22.51 25.28 11.39
C THR A 176 22.85 23.84 11.79
N GLY A 177 23.93 23.31 11.23
CA GLY A 177 24.27 21.92 11.45
C GLY A 177 23.83 20.97 10.37
N ARG A 178 23.10 21.47 9.37
CA ARG A 178 22.64 20.67 8.24
C ARG A 178 22.93 21.41 6.95
N GLU A 179 23.08 20.67 5.85
CA GLU A 179 23.29 21.28 4.55
C GLU A 179 22.05 21.26 3.66
N ASP A 180 20.97 20.64 4.10
CA ASP A 180 19.83 20.39 3.24
C ASP A 180 18.69 21.39 3.44
N GLY A 181 18.90 22.43 4.25
CA GLY A 181 17.89 23.44 4.48
C GLY A 181 16.80 23.09 5.48
N HIS A 182 16.63 21.81 5.82
CA HIS A 182 15.52 21.42 6.68
C HIS A 182 15.72 21.91 8.12
N LEU A 183 14.73 22.64 8.63
CA LEU A 183 14.82 23.18 9.97
C LEU A 183 14.64 22.06 10.99
N TRP A 184 15.40 22.14 12.08
CA TRP A 184 15.39 21.08 13.08
C TRP A 184 15.54 21.71 14.45
N CYS A 185 15.28 20.91 15.48
CA CYS A 185 15.54 21.35 16.85
C CYS A 185 16.04 20.19 17.69
N ALA A 186 16.77 20.51 18.76
CA ALA A 186 17.08 19.48 19.75
C ALA A 186 15.85 19.19 20.62
N THR A 187 15.76 17.97 21.11
CA THR A 187 14.67 17.63 22.01
C THR A 187 15.13 17.47 23.45
N THR A 188 16.39 17.78 23.73
CA THR A 188 16.89 18.17 25.04
C THR A 188 17.56 19.52 24.88
N GLN A 189 18.06 20.07 25.98
CA GLN A 189 18.65 21.39 25.91
C GLN A 189 20.12 21.36 25.52
N ASP A 190 20.73 20.19 25.49
CA ASP A 190 22.09 20.07 24.99
C ASP A 190 22.16 18.94 23.98
N TYR A 191 22.24 19.32 22.70
CA TYR A 191 22.38 18.32 21.64
C TYR A 191 23.73 17.61 21.72
N GLY A 192 24.79 18.34 22.10
CA GLY A 192 26.12 17.73 22.16
C GLY A 192 26.17 16.56 23.10
N LYS A 193 25.62 16.74 24.30
CA LYS A 193 25.45 15.62 25.22
C LYS A 193 24.55 14.53 24.64
N ASP A 194 23.27 14.84 24.40
CA ASP A 194 22.21 13.86 24.16
C ASP A 194 22.04 13.40 22.70
N GLU A 195 22.20 14.29 21.72
CA GLU A 195 22.06 13.97 20.30
C GLU A 195 20.65 13.52 19.91
N ARG A 196 19.66 14.03 20.62
CA ARG A 196 18.26 13.77 20.35
C ARG A 196 17.66 15.00 19.67
N TRP A 197 17.00 14.77 18.55
CA TRP A 197 16.57 15.85 17.68
C TRP A 197 15.40 15.35 16.86
N GLY A 198 14.88 16.25 16.02
CA GLY A 198 13.84 16.00 15.05
C GLY A 198 13.71 17.22 14.15
N PHE A 199 12.98 17.04 13.06
CA PHE A 199 12.71 18.14 12.15
C PHE A 199 11.53 18.97 12.65
N CYS A 200 11.56 20.24 12.27
CA CYS A 200 10.40 21.02 12.69
C CYS A 200 9.32 20.95 11.62
N PRO A 201 8.06 20.93 12.03
CA PRO A 201 6.98 20.89 11.05
C PRO A 201 6.98 22.15 10.21
N ILE A 202 6.66 21.98 8.93
CA ILE A 202 6.51 23.12 8.03
C ILE A 202 5.16 23.05 7.34
N LYS A 203 4.52 24.22 7.19
CA LYS A 203 3.27 24.33 6.44
C LYS A 203 3.60 24.60 4.99
N SER A 204 3.23 23.68 4.12
CA SER A 204 3.48 23.86 2.70
C SER A 204 2.48 23.02 1.94
N ASN A 205 2.31 23.34 0.66
CA ASN A 205 1.40 22.64 -0.21
C ASN A 205 2.08 21.55 -1.03
N ASP A 206 3.36 21.27 -0.77
CA ASP A 206 4.08 20.24 -1.51
C ASP A 206 4.26 19.00 -0.64
N CYS A 207 4.23 17.84 -1.31
CA CYS A 207 4.32 16.54 -0.68
C CYS A 207 5.68 15.86 -0.83
N GLU A 208 6.72 16.57 -1.28
CA GLU A 208 7.95 15.90 -1.70
C GLU A 208 8.71 15.26 -0.53
N THR A 209 8.96 16.02 0.55
CA THR A 209 9.69 15.47 1.67
C THR A 209 8.78 15.34 2.89
N PHE A 210 8.96 14.24 3.62
CA PHE A 210 8.15 13.88 4.79
C PHE A 210 6.69 13.64 4.44
N TRP A 211 6.41 13.35 3.18
CA TRP A 211 5.05 13.06 2.72
C TRP A 211 5.09 12.02 1.61
N ASP A 212 3.98 11.32 1.44
CA ASP A 212 3.72 10.49 0.28
C ASP A 212 2.41 10.94 -0.32
N LYS A 213 2.34 10.94 -1.66
CA LYS A 213 1.17 11.42 -2.37
C LYS A 213 0.46 10.26 -3.04
N ASP A 214 -0.85 10.13 -2.77
CA ASP A 214 -1.67 9.31 -3.64
C ASP A 214 -1.79 10.05 -4.96
N GLN A 215 -1.32 9.44 -6.05
CA GLN A 215 -1.30 10.14 -7.32
C GLN A 215 -2.66 10.17 -7.97
N LEU A 216 -3.52 9.19 -7.66
CA LEU A 216 -4.87 9.12 -8.19
C LEU A 216 -5.79 10.19 -7.61
N THR A 217 -5.34 10.94 -6.60
CA THR A 217 -6.18 11.91 -5.94
C THR A 217 -5.29 13.09 -5.57
N ASP A 218 -5.83 14.02 -4.79
CA ASP A 218 -5.04 15.14 -4.29
C ASP A 218 -4.47 14.88 -2.91
N SER A 219 -4.57 13.66 -2.38
CA SER A 219 -4.25 13.41 -0.98
C SER A 219 -2.79 13.07 -0.76
N CYS A 220 -2.22 13.64 0.31
CA CYS A 220 -0.87 13.36 0.74
C CYS A 220 -0.89 12.81 2.16
N TYR A 221 -0.02 11.82 2.42
CA TYR A 221 -0.08 11.08 3.65
C TYR A 221 1.27 11.09 4.29
N GLN A 222 1.27 11.12 5.61
CA GLN A 222 2.47 11.05 6.41
C GLN A 222 2.24 10.01 7.50
N PHE A 223 2.99 8.92 7.45
CA PHE A 223 2.84 7.83 8.42
C PHE A 223 4.00 7.93 9.38
N ASN A 224 3.75 8.41 10.59
CA ASN A 224 4.90 8.63 11.46
C ASN A 224 4.99 7.41 12.37
N PHE A 225 5.62 6.36 11.82
CA PHE A 225 5.67 5.08 12.51
C PHE A 225 6.50 5.16 13.78
N GLN A 226 7.49 6.05 13.83
CA GLN A 226 8.45 6.05 14.93
C GLN A 226 8.06 7.00 16.06
N SER A 227 6.94 7.71 15.93
CA SER A 227 6.55 8.69 16.92
C SER A 227 5.62 8.06 17.95
N THR A 228 5.71 8.55 19.17
CA THR A 228 4.77 8.13 20.21
C THR A 228 4.18 9.39 20.83
N LEU A 229 2.93 9.66 20.47
CA LEU A 229 2.22 10.87 20.89
C LEU A 229 0.79 10.52 21.26
N SER A 230 0.25 11.27 22.21
CA SER A 230 -1.17 11.22 22.49
C SER A 230 -1.98 11.78 21.32
N TRP A 231 -3.24 11.39 21.26
CA TRP A 231 -4.08 11.80 20.16
C TRP A 231 -4.11 13.32 20.02
N ARG A 232 -4.19 14.04 21.14
CA ARG A 232 -4.26 15.49 21.06
C ARG A 232 -2.94 16.08 20.55
N GLU A 233 -1.80 15.55 21.04
CA GLU A 233 -0.51 15.99 20.51
C GLU A 233 -0.39 15.66 19.03
N ALA A 234 -0.87 14.47 18.64
CA ALA A 234 -0.83 14.08 17.24
C ALA A 234 -1.72 14.99 16.40
N TRP A 235 -2.91 15.30 16.90
CA TRP A 235 -3.75 16.29 16.24
C TRP A 235 -2.98 17.59 16.04
N ALA A 236 -2.34 18.08 17.10
CA ALA A 236 -1.61 19.34 17.00
C ALA A 236 -0.43 19.21 16.03
N SER A 237 0.28 18.07 16.07
CA SER A 237 1.39 17.86 15.15
C SER A 237 0.96 17.98 13.69
N CYS A 238 -0.16 17.32 13.34
CA CYS A 238 -0.68 17.44 11.98
C CYS A 238 -1.15 18.88 11.71
N GLU A 239 -1.72 19.52 12.72
CA GLU A 239 -2.17 20.91 12.54
C GLU A 239 -0.98 21.83 12.21
N GLN A 240 0.16 21.65 12.90
CA GLN A 240 1.33 22.49 12.68
C GLN A 240 1.96 22.27 11.30
N GLN A 241 1.63 21.20 10.61
CA GLN A 241 2.09 20.96 9.25
C GLN A 241 1.07 21.37 8.20
N GLY A 242 0.00 22.04 8.62
CA GLY A 242 -1.00 22.52 7.70
C GLY A 242 -1.84 21.37 7.22
N ALA A 243 -2.07 20.40 8.09
CA ALA A 243 -2.68 19.13 7.74
C ALA A 243 -3.64 18.76 8.87
N ASP A 244 -4.21 17.56 8.79
CA ASP A 244 -5.11 17.07 9.82
C ASP A 244 -4.85 15.58 9.99
N LEU A 245 -5.30 15.03 11.12
CA LEU A 245 -5.18 13.60 11.32
C LEU A 245 -5.93 12.88 10.20
N LEU A 246 -5.44 11.70 9.84
CA LEU A 246 -6.02 10.95 8.73
C LEU A 246 -7.52 10.77 8.93
N SER A 247 -8.27 11.02 7.86
CA SER A 247 -9.66 10.62 7.77
C SER A 247 -9.79 9.61 6.63
N ILE A 248 -10.55 8.55 6.86
CA ILE A 248 -10.74 7.55 5.83
C ILE A 248 -12.19 7.65 5.40
N THR A 249 -12.41 8.31 4.27
CA THR A 249 -13.74 8.73 3.83
C THR A 249 -14.36 7.79 2.81
N GLU A 250 -13.59 6.88 2.25
CA GLU A 250 -13.99 6.19 1.03
C GLU A 250 -13.26 4.86 0.98
N ILE A 251 -13.91 3.85 0.39
CA ILE A 251 -13.24 2.56 0.23
C ILE A 251 -11.95 2.71 -0.56
N HIS A 252 -11.91 3.64 -1.51
CA HIS A 252 -10.67 3.96 -2.22
C HIS A 252 -9.55 4.31 -1.23
N GLU A 253 -9.85 5.21 -0.29
CA GLU A 253 -8.86 5.65 0.67
C GLU A 253 -8.39 4.50 1.55
N GLN A 254 -9.32 3.69 2.07
CA GLN A 254 -8.93 2.56 2.89
C GLN A 254 -8.09 1.57 2.08
N THR A 255 -8.33 1.53 0.76
CA THR A 255 -7.59 0.62 -0.12
C THR A 255 -6.15 1.07 -0.27
N TYR A 256 -5.93 2.33 -0.61
CA TYR A 256 -4.59 2.90 -0.63
C TYR A 256 -3.88 2.67 0.69
N ILE A 257 -4.53 3.03 1.81
CA ILE A 257 -3.92 2.86 3.12
C ILE A 257 -3.50 1.41 3.34
N ASN A 258 -4.40 0.48 2.99
CA ASN A 258 -4.10 -0.94 3.19
C ASN A 258 -2.91 -1.36 2.33
N GLY A 259 -2.87 -0.93 1.08
CA GLY A 259 -1.69 -1.20 0.26
C GLY A 259 -0.42 -0.66 0.89
N LEU A 260 -0.42 0.62 1.26
CA LEU A 260 0.77 1.21 1.85
C LEU A 260 1.15 0.51 3.15
N LEU A 261 0.18 0.03 3.93
CA LEU A 261 0.51 -0.55 5.23
C LEU A 261 0.93 -2.01 5.15
N THR A 262 0.88 -2.62 3.96
CA THR A 262 1.25 -4.02 3.85
C THR A 262 2.74 -4.15 4.10
N GLY A 263 3.11 -5.06 5.00
CA GLY A 263 4.48 -5.23 5.36
C GLY A 263 4.93 -4.42 6.55
N TYR A 264 4.11 -3.51 7.05
CA TYR A 264 4.45 -2.87 8.32
C TYR A 264 3.67 -3.55 9.43
N SER A 265 4.06 -3.22 10.67
CA SER A 265 3.36 -3.69 11.86
C SER A 265 3.25 -2.48 12.77
N SER A 266 2.04 -1.96 12.94
CA SER A 266 1.91 -0.68 13.63
C SER A 266 0.47 -0.47 14.05
N THR A 267 0.27 0.42 15.01
CA THR A 267 -1.05 0.87 15.45
C THR A 267 -1.02 2.38 15.55
N LEU A 268 -1.80 3.08 14.71
CA LEU A 268 -1.62 4.52 14.54
C LEU A 268 -2.91 5.30 14.80
N TRP A 269 -2.76 6.44 15.48
CA TRP A 269 -3.87 7.36 15.66
C TRP A 269 -4.35 7.85 14.30
N ILE A 270 -5.67 7.89 14.15
CA ILE A 270 -6.31 8.58 13.03
C ILE A 270 -7.29 9.61 13.59
N GLY A 271 -7.98 10.34 12.69
CA GLY A 271 -8.77 11.47 13.10
C GLY A 271 -10.14 11.16 13.67
N LEU A 272 -10.45 9.88 13.84
CA LEU A 272 -11.75 9.46 14.33
C LEU A 272 -11.83 9.61 15.84
N ASN A 273 -12.89 10.26 16.32
CA ASN A 273 -13.11 10.42 17.76
C ASN A 273 -14.57 10.71 18.04
N ASP A 274 -15.03 10.32 19.23
CA ASP A 274 -16.36 10.69 19.73
C ASP A 274 -16.33 11.83 20.75
N LEU A 275 -15.17 12.47 20.93
CA LEU A 275 -14.92 13.30 22.12
C LEU A 275 -16.05 14.28 22.42
N ASP A 276 -16.41 15.12 21.44
CA ASP A 276 -17.41 16.17 21.67
C ASP A 276 -18.76 15.64 22.16
N THR A 277 -19.50 14.99 21.28
CA THR A 277 -20.79 14.39 21.64
C THR A 277 -20.57 12.90 21.85
N SER A 278 -20.70 12.45 23.10
CA SER A 278 -20.33 11.08 23.46
C SER A 278 -21.08 10.08 22.58
N GLY A 279 -20.31 9.23 21.91
CA GLY A 279 -20.85 8.30 20.95
C GLY A 279 -21.00 8.85 19.54
N GLY A 280 -21.10 10.17 19.39
CA GLY A 280 -21.10 10.76 18.06
C GLY A 280 -19.74 10.64 17.44
N TRP A 281 -19.65 9.94 16.31
CA TRP A 281 -18.37 9.64 15.68
C TRP A 281 -18.09 10.62 14.57
N GLN A 282 -16.86 11.13 14.53
CA GLN A 282 -16.54 12.17 13.58
C GLN A 282 -15.07 12.10 13.23
N TRP A 283 -14.76 12.58 12.04
CA TRP A 283 -13.39 12.85 11.69
C TRP A 283 -12.97 14.16 12.34
N SER A 284 -11.68 14.28 12.66
CA SER A 284 -11.21 15.52 13.24
C SER A 284 -11.28 16.65 12.22
N ASP A 285 -10.95 16.35 10.97
CA ASP A 285 -11.37 17.18 9.86
C ASP A 285 -12.87 16.99 9.68
N ASN A 286 -13.46 17.64 8.71
CA ASN A 286 -14.92 17.64 8.73
C ASN A 286 -15.60 16.56 7.89
N SER A 287 -14.84 15.58 7.39
CA SER A 287 -15.36 14.60 6.42
C SER A 287 -16.60 13.88 6.95
N PRO A 288 -17.59 13.64 6.10
CA PRO A 288 -18.76 12.83 6.52
C PRO A 288 -18.35 11.43 6.90
N LEU A 289 -19.15 10.79 7.74
CA LEU A 289 -18.83 9.45 8.14
C LEU A 289 -19.70 8.54 7.27
N LYS A 290 -19.20 8.24 6.07
CA LYS A 290 -19.90 7.36 5.15
C LYS A 290 -19.27 5.99 5.05
N TYR A 291 -18.11 5.80 5.67
CA TYR A 291 -17.34 4.59 5.56
C TYR A 291 -16.82 4.21 6.93
N LEU A 292 -17.02 2.95 7.32
CA LEU A 292 -16.61 2.46 8.63
C LEU A 292 -15.88 1.12 8.44
N ASN A 293 -14.63 1.07 8.90
CA ASN A 293 -13.84 -0.15 8.99
C ASN A 293 -13.67 -0.68 10.42
N TRP A 294 -14.57 -0.36 11.33
CA TRP A 294 -14.46 -0.88 12.70
C TRP A 294 -14.16 -2.37 12.70
N GLU A 295 -13.28 -2.76 13.62
CA GLU A 295 -13.04 -4.17 13.90
C GLU A 295 -14.29 -4.80 14.54
N SER A 296 -14.32 -6.13 14.49
CA SER A 296 -15.52 -6.92 14.78
C SER A 296 -16.27 -6.42 16.01
N ASP A 297 -15.63 -6.50 17.17
CA ASP A 297 -16.26 -6.12 18.43
C ASP A 297 -16.05 -4.65 18.80
N GLN A 298 -15.55 -3.83 17.89
CA GLN A 298 -15.28 -2.43 18.23
C GLN A 298 -16.27 -1.48 17.55
N PRO A 299 -16.54 -0.32 18.18
CA PRO A 299 -16.04 0.20 19.46
C PRO A 299 -16.57 -0.50 20.72
N ASP A 300 -15.67 -0.82 21.65
CA ASP A 300 -15.99 -1.20 23.02
C ASP A 300 -15.63 -0.04 23.95
N ASN A 301 -15.81 -0.26 25.26
CA ASN A 301 -15.45 0.67 26.33
C ASN A 301 -15.86 2.11 25.98
N PRO A 302 -17.16 2.38 25.83
CA PRO A 302 -17.56 3.67 25.24
C PRO A 302 -17.14 4.89 26.05
N SER A 303 -17.34 4.88 27.36
CA SER A 303 -16.94 6.03 28.16
C SER A 303 -15.44 6.08 28.40
N GLU A 304 -14.73 4.98 28.12
CA GLU A 304 -13.30 4.90 28.34
C GLU A 304 -12.51 5.36 27.11
N GLU A 305 -12.66 4.66 25.97
CA GLU A 305 -11.78 4.79 24.83
C GLU A 305 -12.44 5.66 23.74
N ASN A 306 -11.97 6.90 23.63
CA ASN A 306 -12.62 7.93 22.82
C ASN A 306 -11.96 8.24 21.47
N CYS A 307 -10.85 7.59 21.11
CA CYS A 307 -10.09 7.99 19.92
C CYS A 307 -9.76 6.77 19.08
N GLY A 308 -9.90 6.90 17.75
CA GLY A 308 -9.70 5.76 16.87
C GLY A 308 -8.25 5.53 16.47
N VAL A 309 -7.93 4.26 16.17
CA VAL A 309 -6.65 3.84 15.62
C VAL A 309 -6.90 2.95 14.42
N ILE A 310 -5.88 2.82 13.57
CA ILE A 310 -5.84 1.81 12.52
C ILE A 310 -4.72 0.85 12.85
N ARG A 311 -4.95 -0.44 12.67
CA ARG A 311 -3.90 -1.37 13.03
C ARG A 311 -3.62 -2.35 11.91
N THR A 312 -2.33 -2.65 11.73
CA THR A 312 -1.92 -3.63 10.74
C THR A 312 -2.29 -5.04 11.18
N GLU A 313 -2.31 -5.28 12.50
CA GLU A 313 -2.71 -6.57 13.06
C GLU A 313 -4.04 -7.05 12.50
N SER A 314 -4.96 -6.12 12.23
CA SER A 314 -6.27 -6.43 11.68
C SER A 314 -6.40 -6.06 10.21
N SER A 315 -5.28 -5.98 9.49
CA SER A 315 -5.30 -5.67 8.06
C SER A 315 -6.03 -4.35 7.76
N GLY A 316 -5.95 -3.39 8.68
CA GLY A 316 -6.47 -2.05 8.47
C GLY A 316 -7.72 -1.71 9.22
N GLY A 317 -8.21 -2.60 10.08
CA GLY A 317 -9.40 -2.31 10.86
C GLY A 317 -9.15 -1.23 11.90
N TRP A 318 -10.25 -0.69 12.41
CA TRP A 318 -10.21 0.40 13.38
C TRP A 318 -10.65 -0.10 14.76
N GLN A 319 -9.98 0.41 15.78
CA GLN A 319 -10.36 0.27 17.17
C GLN A 319 -10.47 1.65 17.78
N ASN A 320 -11.13 1.74 18.94
CA ASN A 320 -11.04 2.94 19.75
C ASN A 320 -10.08 2.68 20.91
N ARG A 321 -9.42 3.74 21.37
CA ARG A 321 -8.44 3.61 22.43
C ARG A 321 -8.50 4.83 23.34
N ASP A 322 -7.95 4.67 24.55
CA ASP A 322 -7.80 5.81 25.45
C ASP A 322 -6.87 6.83 24.80
N CYS A 323 -7.36 8.06 24.68
CA CYS A 323 -6.68 9.09 23.89
C CYS A 323 -5.34 9.51 24.46
N SER A 324 -5.00 9.11 25.67
CA SER A 324 -3.76 9.57 26.28
C SER A 324 -2.60 8.63 26.04
N ILE A 325 -2.84 7.43 25.50
CA ILE A 325 -1.73 6.52 25.24
C ILE A 325 -0.91 7.06 24.08
N ALA A 326 0.39 6.78 24.08
CA ALA A 326 1.30 7.35 23.09
C ALA A 326 1.46 6.36 21.94
N LEU A 327 1.08 6.79 20.75
CA LEU A 327 1.10 5.95 19.56
C LEU A 327 1.62 6.76 18.39
N PRO A 328 2.00 6.08 17.31
CA PRO A 328 2.24 6.81 16.06
C PRO A 328 0.92 7.29 15.49
N TYR A 329 0.98 8.06 14.40
CA TYR A 329 -0.21 8.73 13.91
C TYR A 329 0.01 9.02 12.45
N VAL A 330 -1.10 9.20 11.73
CA VAL A 330 -1.07 9.52 10.31
C VAL A 330 -1.62 10.93 10.11
N CYS A 331 -0.87 11.76 9.40
CA CYS A 331 -1.33 13.06 8.92
C CYS A 331 -1.74 12.97 7.46
N LYS A 332 -2.71 13.78 7.10
CA LYS A 332 -3.25 13.87 5.75
C LYS A 332 -3.37 15.34 5.37
N LYS A 333 -3.07 15.66 4.12
CA LYS A 333 -3.46 16.95 3.57
C LYS A 333 -3.75 16.80 2.08
N LYS A 334 -4.55 17.74 1.56
CA LYS A 334 -4.97 17.79 0.16
C LYS A 334 -4.64 19.18 -0.37
N PRO A 335 -3.37 19.43 -0.70
CA PRO A 335 -2.96 20.82 -1.02
C PRO A 335 -3.49 21.34 -2.35
N ASN A 336 -3.58 20.47 -3.37
CA ASN A 336 -4.00 20.89 -4.71
C ASN A 336 -5.51 21.00 -4.86
N ALA A 337 -6.27 20.78 -3.80
CA ALA A 337 -7.73 20.88 -3.83
C ALA A 337 -8.20 22.30 -3.56
N ARG A 367 -42.10 15.34 -0.35
CA ARG A 367 -43.28 15.19 0.49
C ARG A 367 -43.40 13.74 0.99
N LEU A 368 -44.15 13.56 2.08
CA LEU A 368 -44.04 12.36 2.89
C LEU A 368 -44.78 11.20 2.24
N GLN A 369 -44.59 10.01 2.82
CA GLN A 369 -45.42 8.84 2.58
C GLN A 369 -45.71 8.24 3.95
N ALA A 370 -46.96 8.30 4.39
CA ALA A 370 -47.27 7.85 5.74
C ALA A 370 -47.49 6.34 5.82
N GLU A 371 -47.64 5.68 4.68
CA GLU A 371 -47.94 4.25 4.69
C GLU A 371 -46.67 3.47 5.07
N LYS A 372 -46.77 2.69 6.14
CA LYS A 372 -45.61 1.93 6.63
C LYS A 372 -45.23 0.85 5.62
N ARG A 373 -43.99 0.87 5.17
CA ARG A 373 -43.46 -0.18 4.31
C ARG A 373 -41.99 -0.38 4.65
N SER A 374 -41.44 -1.49 4.17
CA SER A 374 -40.01 -1.72 4.25
C SER A 374 -39.27 -0.64 3.46
N TRP A 375 -38.03 -0.36 3.89
CA TRP A 375 -37.18 0.59 3.16
C TRP A 375 -37.13 0.26 1.69
N GLN A 376 -36.95 -1.02 1.38
CA GLN A 376 -36.67 -1.47 0.02
C GLN A 376 -37.59 -0.77 -0.94
N GLU A 377 -38.86 -1.11 -0.88
CA GLU A 377 -39.81 -0.60 -1.84
C GLU A 377 -40.68 0.51 -1.30
N SER A 378 -40.38 1.04 -0.11
CA SER A 378 -40.62 2.46 0.11
C SER A 378 -39.92 3.27 -0.98
N LYS A 379 -38.82 2.75 -1.51
CA LYS A 379 -38.16 3.37 -2.65
C LYS A 379 -38.96 3.15 -3.92
N LYS A 380 -39.44 1.92 -4.14
CA LYS A 380 -40.32 1.64 -5.27
C LYS A 380 -41.48 2.62 -5.34
N ALA A 381 -42.08 2.94 -4.19
CA ALA A 381 -43.13 3.94 -4.15
C ALA A 381 -42.62 5.33 -4.48
N CYS A 382 -41.33 5.60 -4.23
CA CYS A 382 -40.75 6.88 -4.67
C CYS A 382 -40.44 6.85 -6.15
N LEU A 383 -39.91 5.72 -6.66
CA LEU A 383 -39.54 5.62 -8.06
C LEU A 383 -40.76 5.82 -8.96
N ARG A 384 -41.76 4.96 -8.82
CA ARG A 384 -43.06 5.31 -9.38
C ARG A 384 -43.53 6.57 -8.68
N GLY A 385 -44.11 7.49 -9.45
CA GLY A 385 -44.13 8.87 -9.01
C GLY A 385 -42.88 9.64 -9.36
N GLY A 386 -41.90 9.01 -10.01
CA GLY A 386 -40.82 9.70 -10.68
C GLY A 386 -39.70 10.21 -9.81
N GLY A 387 -39.74 9.95 -8.50
CA GLY A 387 -38.77 10.47 -7.57
C GLY A 387 -37.81 9.41 -7.06
N ASP A 388 -37.21 9.69 -5.92
CA ASP A 388 -36.38 8.71 -5.21
C ASP A 388 -36.48 8.99 -3.73
N LEU A 389 -36.04 8.02 -2.92
CA LEU A 389 -35.92 8.28 -1.49
C LEU A 389 -34.97 9.46 -1.27
N VAL A 390 -35.26 10.24 -0.23
CA VAL A 390 -34.66 11.55 -0.12
C VAL A 390 -33.19 11.44 0.26
N SER A 391 -32.38 12.29 -0.33
CA SER A 391 -30.99 12.48 0.05
C SER A 391 -30.85 13.84 0.72
N ILE A 392 -29.87 13.95 1.61
CA ILE A 392 -29.64 15.15 2.39
C ILE A 392 -28.17 15.52 2.22
N HIS A 393 -27.91 16.68 1.59
CA HIS A 393 -26.55 17.18 1.41
C HIS A 393 -26.16 18.27 2.39
N SER A 394 -27.05 18.66 3.30
CA SER A 394 -26.74 19.81 4.15
C SER A 394 -27.54 19.74 5.43
N MET A 395 -27.06 20.48 6.44
CA MET A 395 -27.80 20.59 7.70
C MET A 395 -29.06 21.41 7.51
N ALA A 396 -29.06 22.35 6.56
CA ALA A 396 -30.27 23.10 6.25
C ALA A 396 -31.30 22.21 5.56
N GLU A 397 -30.86 21.39 4.60
CA GLU A 397 -31.77 20.45 3.98
C GLU A 397 -32.29 19.44 5.00
N LEU A 398 -31.48 19.10 6.00
CA LEU A 398 -31.99 18.31 7.11
C LEU A 398 -33.11 19.03 7.82
N GLU A 399 -32.87 20.29 8.22
CA GLU A 399 -33.90 21.06 8.92
C GLU A 399 -35.06 21.42 8.01
N PHE A 400 -34.79 21.62 6.72
CA PHE A 400 -35.84 21.73 5.71
C PHE A 400 -36.84 20.58 5.86
N ILE A 401 -36.34 19.38 6.14
CA ILE A 401 -37.18 18.18 6.25
C ILE A 401 -37.57 17.84 7.69
N THR A 402 -36.92 18.42 8.71
CA THR A 402 -37.20 18.02 10.08
C THR A 402 -38.64 18.27 10.51
N LYS A 403 -39.01 19.54 10.72
CA LYS A 403 -40.35 19.86 11.21
C LYS A 403 -41.37 19.87 10.07
N GLN A 404 -40.99 20.42 8.93
CA GLN A 404 -41.86 20.57 7.78
C GLN A 404 -42.45 19.25 7.29
N ILE A 405 -41.63 18.40 6.67
CA ILE A 405 -42.16 17.23 5.98
C ILE A 405 -42.44 16.08 6.95
N LYS A 406 -41.53 15.82 7.89
CA LYS A 406 -41.66 14.66 8.77
C LYS A 406 -42.83 14.83 9.74
N GLN A 407 -42.86 15.95 10.47
CA GLN A 407 -43.96 16.33 11.34
C GLN A 407 -44.26 15.24 12.38
N GLU A 408 -43.33 15.12 13.33
CA GLU A 408 -43.49 14.23 14.48
C GLU A 408 -43.76 12.79 14.07
N GLU A 410 -42.65 10.07 13.18
CA GLU A 410 -41.49 9.85 14.04
C GLU A 410 -40.35 9.19 13.26
N GLU A 411 -40.32 7.87 13.24
CA GLU A 411 -39.37 7.14 12.41
C GLU A 411 -39.80 7.17 10.95
N LEU A 412 -38.81 7.11 10.06
CA LEU A 412 -39.09 7.03 8.63
C LEU A 412 -37.79 6.82 7.88
N TRP A 413 -37.92 6.37 6.63
CA TRP A 413 -36.79 5.98 5.80
C TRP A 413 -36.25 7.17 5.01
N ILE A 414 -34.92 7.20 4.85
CA ILE A 414 -34.28 8.06 3.87
C ILE A 414 -33.46 7.19 2.92
N GLY A 415 -32.82 7.80 1.93
CA GLY A 415 -32.12 7.05 0.91
C GLY A 415 -30.75 6.49 1.27
N LEU A 416 -30.26 6.71 2.48
CA LEU A 416 -28.95 6.20 2.83
C LEU A 416 -29.04 4.71 3.11
N ASN A 417 -28.12 3.95 2.51
CA ASN A 417 -28.07 2.50 2.70
C ASN A 417 -26.65 2.00 2.42
N ASP A 418 -26.29 0.89 3.07
CA ASP A 418 -25.07 0.15 2.79
C ASP A 418 -25.30 -1.14 2.00
N LEU A 419 -26.46 -1.28 1.34
CA LEU A 419 -26.81 -2.54 0.70
C LEU A 419 -25.71 -3.09 -0.22
N LYS A 420 -24.95 -2.22 -0.89
CA LYS A 420 -23.99 -2.74 -1.87
C LYS A 420 -22.72 -3.27 -1.20
N LEU A 421 -22.14 -2.51 -0.27
CA LEU A 421 -20.97 -2.96 0.49
C LEU A 421 -21.20 -2.57 1.94
N GLN A 422 -21.08 -3.54 2.84
CA GLN A 422 -21.37 -3.30 4.25
C GLN A 422 -20.53 -2.15 4.77
N MET A 423 -21.19 -1.21 5.46
CA MET A 423 -20.57 -0.05 6.09
C MET A 423 -19.85 0.85 5.09
N ASN A 424 -20.25 0.80 3.83
CA ASN A 424 -19.98 1.86 2.87
C ASN A 424 -21.34 2.36 2.40
N PHE A 425 -21.70 3.55 2.84
CA PHE A 425 -23.05 4.09 2.71
C PHE A 425 -23.16 4.97 1.48
N GLU A 426 -24.24 4.75 0.72
CA GLU A 426 -24.57 5.52 -0.47
C GLU A 426 -26.02 5.96 -0.38
N TRP A 427 -26.34 7.05 -1.08
CA TRP A 427 -27.73 7.43 -1.31
C TRP A 427 -28.30 6.58 -2.43
N SER A 428 -29.57 6.21 -2.30
CA SER A 428 -30.24 5.48 -3.39
C SER A 428 -30.36 6.36 -4.63
N ASP A 429 -30.45 7.69 -4.46
CA ASP A 429 -30.55 8.57 -5.61
C ASP A 429 -29.18 8.87 -6.22
N GLY A 430 -28.14 8.20 -5.72
CA GLY A 430 -26.83 8.22 -6.32
C GLY A 430 -26.04 9.48 -6.07
N SER A 431 -26.54 10.37 -5.24
CA SER A 431 -25.85 11.61 -4.99
C SER A 431 -24.65 11.38 -4.09
N LEU A 432 -23.70 12.32 -4.14
CA LEU A 432 -22.53 12.24 -3.29
C LEU A 432 -22.97 12.25 -1.82
N VAL A 433 -22.30 11.44 -1.00
CA VAL A 433 -22.55 11.50 0.44
C VAL A 433 -21.54 12.52 0.96
N SER A 434 -22.01 13.76 1.10
CA SER A 434 -21.22 14.89 1.56
C SER A 434 -21.54 15.32 2.98
N PHE A 435 -22.55 14.70 3.58
CA PHE A 435 -23.03 15.09 4.90
C PHE A 435 -23.67 13.86 5.54
N THR A 436 -23.47 13.72 6.86
CA THR A 436 -24.15 12.69 7.64
C THR A 436 -24.46 13.24 9.01
N HIS A 437 -25.64 12.90 9.53
CA HIS A 437 -26.03 13.19 10.90
C HIS A 437 -26.44 11.86 11.50
N TRP A 438 -25.59 11.29 12.35
CA TRP A 438 -25.85 9.98 12.91
C TRP A 438 -26.32 10.13 14.35
N HIS A 439 -26.66 9.11 14.90
CA HIS A 439 -26.95 8.86 16.30
C HIS A 439 -25.73 8.26 16.97
N PRO A 440 -25.36 8.78 18.14
CA PRO A 440 -24.23 8.20 18.87
C PRO A 440 -24.38 6.69 18.97
N PHE A 441 -23.31 5.98 18.61
CA PHE A 441 -23.22 4.53 18.45
C PHE A 441 -23.76 4.05 17.10
N GLU A 442 -24.19 4.93 16.20
CA GLU A 442 -24.67 4.49 14.90
C GLU A 442 -23.73 4.93 13.77
N PRO A 443 -23.66 4.14 12.67
CA PRO A 443 -24.30 2.84 12.45
C PRO A 443 -23.75 1.75 13.35
N ASN A 444 -24.53 0.69 13.55
CA ASN A 444 -24.24 -0.32 14.56
C ASN A 444 -24.27 -1.72 13.97
N ASN A 445 -25.37 -2.09 13.31
CA ASN A 445 -25.73 -3.49 13.06
C ASN A 445 -26.00 -4.20 14.38
N PHE A 446 -27.14 -3.82 14.98
CA PHE A 446 -27.48 -4.21 16.34
C PHE A 446 -27.38 -5.72 16.54
N ARG A 447 -26.92 -6.12 17.72
CA ARG A 447 -26.48 -7.50 18.01
C ARG A 447 -25.39 -7.80 16.98
N ASP A 448 -25.38 -8.98 16.36
CA ASP A 448 -24.72 -9.14 15.07
C ASP A 448 -25.85 -9.45 14.09
N SER A 449 -26.27 -8.42 13.36
CA SER A 449 -27.39 -8.52 12.44
C SER A 449 -27.24 -7.41 11.40
N LEU A 450 -27.67 -7.68 10.19
CA LEU A 450 -27.54 -6.70 9.13
C LEU A 450 -28.63 -5.65 9.29
N GLU A 451 -28.23 -4.42 9.56
CA GLU A 451 -29.15 -3.28 9.46
C GLU A 451 -28.60 -2.43 8.32
N ASP A 452 -29.19 -2.59 7.15
CA ASP A 452 -28.62 -2.05 5.92
C ASP A 452 -29.30 -0.77 5.43
N CYS A 453 -30.28 -0.26 6.17
CA CYS A 453 -31.04 0.91 5.74
C CYS A 453 -31.15 1.90 6.89
N VAL A 454 -31.37 3.17 6.56
CA VAL A 454 -31.19 4.26 7.51
C VAL A 454 -32.51 4.97 7.76
N THR A 455 -32.80 5.27 9.03
CA THR A 455 -33.98 5.99 9.46
C THR A 455 -33.64 7.36 10.05
N ILE A 456 -34.68 8.13 10.33
CA ILE A 456 -34.59 9.44 10.99
C ILE A 456 -35.03 9.39 12.46
N TRP A 457 -35.06 8.20 13.06
CA TRP A 457 -35.57 8.02 14.42
C TRP A 457 -35.06 9.11 15.35
N GLY A 458 -35.98 9.75 16.08
CA GLY A 458 -35.66 10.86 16.94
C GLY A 458 -36.15 12.21 16.47
N PRO A 459 -36.27 13.18 17.39
CA PRO A 459 -36.86 14.48 17.04
C PRO A 459 -36.03 15.36 16.11
N GLU A 460 -34.72 15.48 16.36
CA GLU A 460 -33.93 16.54 15.75
C GLU A 460 -33.32 16.14 14.41
N GLY A 461 -33.56 14.93 13.93
CA GLY A 461 -33.16 14.53 12.61
C GLY A 461 -31.91 13.68 12.49
N ARG A 462 -31.40 13.15 13.60
CA ARG A 462 -30.24 12.27 13.54
C ARG A 462 -30.66 10.87 13.13
N TRP A 463 -29.75 10.14 12.49
CA TRP A 463 -30.12 8.92 11.76
C TRP A 463 -29.73 7.66 12.52
N ASN A 464 -30.16 6.53 11.97
CA ASN A 464 -29.88 5.22 12.51
C ASN A 464 -29.97 4.20 11.39
N ASP A 465 -29.16 3.15 11.46
CA ASP A 465 -29.26 2.04 10.54
C ASP A 465 -30.02 0.91 11.20
N SER A 466 -31.09 0.46 10.55
CA SER A 466 -32.03 -0.50 11.10
C SER A 466 -32.39 -1.50 10.02
N PRO A 467 -32.94 -2.66 10.38
CA PRO A 467 -33.26 -3.67 9.37
C PRO A 467 -34.19 -3.13 8.29
N CYS A 468 -33.86 -3.43 7.03
CA CYS A 468 -34.55 -2.87 5.89
C CYS A 468 -36.00 -3.35 5.76
N ASN A 469 -36.42 -4.38 6.50
CA ASN A 469 -37.78 -4.90 6.43
C ASN A 469 -38.73 -4.31 7.47
N GLN A 470 -38.22 -3.52 8.42
CA GLN A 470 -39.08 -2.83 9.37
C GLN A 470 -40.02 -1.89 8.62
N SER A 471 -41.32 -1.94 8.97
CA SER A 471 -42.36 -1.24 8.22
C SER A 471 -42.52 0.17 8.79
N LEU A 472 -42.17 1.18 7.98
CA LEU A 472 -42.04 2.55 8.46
C LEU A 472 -42.47 3.49 7.33
N PRO A 473 -42.85 4.75 7.67
CA PRO A 473 -43.09 5.76 6.63
C PRO A 473 -41.83 6.12 5.85
N SER A 474 -41.94 6.95 4.82
CA SER A 474 -40.76 7.32 4.04
C SER A 474 -40.93 8.72 3.48
N ILE A 475 -39.87 9.23 2.85
CA ILE A 475 -39.85 10.54 2.24
C ILE A 475 -39.19 10.43 0.87
N CYS A 476 -39.71 11.17 -0.12
CA CYS A 476 -39.16 11.17 -1.46
C CYS A 476 -38.74 12.59 -1.84
N LYS A 477 -37.96 12.70 -2.92
CA LYS A 477 -37.45 13.99 -3.38
C LYS A 477 -37.29 13.99 -4.90
N LYS A 478 -37.58 15.14 -5.51
CA LYS A 478 -37.20 15.40 -6.91
C LYS A 478 -37.26 16.89 -7.17
N GLU B 12 5.24 -39.69 -8.15
CA GLU B 12 5.95 -38.59 -8.80
C GLU B 12 5.62 -38.57 -10.30
N PRO B 13 5.16 -37.42 -10.78
CA PRO B 13 4.71 -37.31 -12.17
C PRO B 13 5.88 -37.19 -13.14
N ASN B 14 5.58 -37.43 -14.42
CA ASN B 14 6.48 -37.26 -15.57
C ASN B 14 7.44 -38.44 -15.69
N ILE B 15 7.33 -39.44 -14.83
CA ILE B 15 8.25 -40.57 -14.79
C ILE B 15 7.60 -41.75 -15.50
N PHE B 16 8.37 -42.42 -16.36
CA PHE B 16 7.79 -43.46 -17.19
C PHE B 16 8.80 -44.57 -17.46
N LEU B 17 8.25 -45.74 -17.75
CA LEU B 17 9.00 -46.88 -18.23
C LEU B 17 8.94 -46.92 -19.76
N ILE B 18 10.02 -47.38 -20.38
CA ILE B 18 10.17 -47.38 -21.83
C ILE B 18 10.02 -48.81 -22.32
N PHE B 19 8.94 -49.07 -23.05
CA PHE B 19 8.54 -50.43 -23.42
C PHE B 19 8.57 -50.57 -24.93
N SER B 20 9.29 -51.58 -25.41
CA SER B 20 9.36 -51.87 -26.84
C SER B 20 8.37 -52.98 -27.18
N HIS B 21 7.54 -52.72 -28.19
CA HIS B 21 6.62 -53.74 -28.69
C HIS B 21 7.38 -54.94 -29.24
N GLY B 22 8.34 -54.69 -30.13
CA GLY B 22 9.00 -55.77 -30.84
C GLY B 22 9.89 -56.62 -29.96
N LEU B 23 10.51 -56.02 -28.95
CA LEU B 23 11.38 -56.74 -28.04
C LEU B 23 10.66 -57.31 -26.83
N GLN B 24 9.40 -56.91 -26.62
CA GLN B 24 8.59 -57.29 -25.46
C GLN B 24 9.36 -57.11 -24.15
N GLY B 25 9.63 -55.85 -23.82
CA GLY B 25 10.37 -55.56 -22.61
C GLY B 25 10.56 -54.06 -22.39
N CYS B 26 11.11 -53.74 -21.23
CA CYS B 26 11.30 -52.37 -20.79
C CYS B 26 12.78 -52.05 -20.72
N LEU B 27 13.11 -50.79 -21.04
CA LEU B 27 14.50 -50.35 -21.02
C LEU B 27 14.95 -50.19 -19.58
N GLU B 28 16.13 -50.72 -19.28
CA GLU B 28 16.61 -50.80 -17.91
C GLU B 28 18.08 -50.39 -17.87
N ALA B 29 18.46 -49.71 -16.79
CA ALA B 29 19.86 -49.33 -16.57
C ALA B 29 20.32 -49.99 -15.28
N GLN B 30 21.23 -50.94 -15.40
CA GLN B 30 21.58 -51.83 -14.29
C GLN B 30 22.99 -52.36 -14.51
N GLY B 31 23.74 -52.49 -13.41
CA GLY B 31 25.04 -53.15 -13.42
C GLY B 31 26.01 -52.70 -14.49
N GLY B 32 25.97 -51.40 -14.82
CA GLY B 32 26.85 -50.87 -15.83
C GLY B 32 26.42 -51.15 -17.25
N GLN B 33 25.12 -51.36 -17.48
CA GLN B 33 24.60 -51.70 -18.80
C GLN B 33 23.24 -51.05 -19.02
N VAL B 34 22.84 -51.04 -20.30
CA VAL B 34 21.51 -50.64 -20.77
C VAL B 34 20.98 -51.78 -21.61
N ARG B 35 19.89 -52.40 -21.18
CA ARG B 35 19.32 -53.50 -21.94
C ARG B 35 17.80 -53.47 -21.80
N VAL B 36 17.15 -54.41 -22.48
CA VAL B 36 15.72 -54.62 -22.34
C VAL B 36 15.50 -55.83 -21.44
N THR B 37 14.80 -55.62 -20.30
CA THR B 37 14.47 -56.69 -19.38
C THR B 37 13.03 -57.11 -19.62
N PRO B 38 12.78 -58.42 -19.82
CA PRO B 38 11.41 -58.85 -20.15
C PRO B 38 10.43 -58.66 -19.01
N ALA B 39 10.89 -58.63 -17.77
CA ALA B 39 9.99 -58.43 -16.64
C ALA B 39 9.92 -56.94 -16.35
N CYS B 40 8.83 -56.32 -16.77
CA CYS B 40 8.60 -54.92 -16.49
C CYS B 40 8.01 -54.79 -15.10
N ASN B 41 8.63 -53.95 -14.27
CA ASN B 41 8.18 -53.71 -12.91
C ASN B 41 8.21 -52.20 -12.69
N THR B 42 7.03 -51.61 -12.50
CA THR B 42 6.95 -50.15 -12.42
C THR B 42 7.56 -49.60 -11.15
N SER B 43 7.79 -50.44 -10.15
CA SER B 43 8.37 -50.00 -8.89
C SER B 43 9.89 -50.09 -8.87
N LEU B 44 10.52 -50.52 -9.95
CA LEU B 44 11.97 -50.61 -9.89
C LEU B 44 12.60 -49.37 -10.50
N PRO B 45 13.51 -48.69 -9.79
CA PRO B 45 14.08 -47.45 -10.35
C PRO B 45 14.92 -47.67 -11.61
N ALA B 46 15.49 -48.84 -11.80
CA ALA B 46 16.33 -49.06 -12.97
C ALA B 46 15.56 -48.96 -14.29
N GLN B 47 14.23 -49.12 -14.24
CA GLN B 47 13.34 -48.99 -15.39
C GLN B 47 12.66 -47.62 -15.45
N ARG B 48 12.94 -46.73 -14.51
CA ARG B 48 12.19 -45.49 -14.38
C ARG B 48 12.94 -44.34 -15.06
N TRP B 49 12.29 -43.71 -16.03
CA TRP B 49 12.93 -42.66 -16.82
C TRP B 49 12.18 -41.34 -16.69
N LYS B 50 12.89 -40.26 -16.99
CA LYS B 50 12.27 -38.94 -17.03
C LYS B 50 12.99 -38.08 -18.05
N TRP B 51 12.22 -37.27 -18.79
CA TRP B 51 12.83 -36.26 -19.64
C TRP B 51 13.23 -35.06 -18.79
N VAL B 52 14.49 -34.66 -18.92
CA VAL B 52 15.00 -33.50 -18.19
C VAL B 52 15.62 -32.54 -19.19
N SER B 53 16.32 -31.54 -18.72
CA SER B 53 16.66 -30.45 -19.62
C SER B 53 17.80 -30.81 -20.58
N ARG B 54 17.86 -30.05 -21.66
CA ARG B 54 18.87 -30.19 -22.69
C ARG B 54 18.76 -31.55 -23.35
N ASN B 55 17.52 -32.00 -23.55
CA ASN B 55 17.20 -33.15 -24.37
C ASN B 55 17.77 -34.42 -23.78
N ARG B 56 17.84 -34.48 -22.45
CA ARG B 56 18.50 -35.57 -21.76
C ARG B 56 17.46 -36.49 -21.16
N LEU B 57 17.79 -37.77 -21.11
CA LEU B 57 16.92 -38.81 -20.60
C LEU B 57 17.57 -39.37 -19.35
N PHE B 58 16.95 -39.08 -18.21
CA PHE B 58 17.49 -39.38 -16.89
C PHE B 58 16.91 -40.69 -16.37
N ASN B 59 17.78 -41.53 -15.80
CA ASN B 59 17.36 -42.82 -15.24
C ASN B 59 17.40 -42.74 -13.71
N LEU B 60 16.29 -43.10 -13.07
CA LEU B 60 16.21 -42.90 -11.63
C LEU B 60 17.03 -43.92 -10.85
N GLY B 61 17.12 -45.17 -11.33
CA GLY B 61 17.94 -46.15 -10.65
C GLY B 61 19.40 -45.77 -10.63
N THR B 62 19.93 -45.41 -11.78
CA THR B 62 21.33 -45.09 -11.89
C THR B 62 21.62 -43.63 -11.55
N MET B 63 20.60 -42.78 -11.51
CA MET B 63 20.74 -41.35 -11.41
C MET B 63 21.75 -40.80 -12.43
N GLN B 64 21.54 -41.15 -13.69
CA GLN B 64 22.45 -40.77 -14.74
C GLN B 64 21.64 -40.55 -16.02
N CYS B 65 22.34 -40.23 -17.10
CA CYS B 65 21.69 -39.89 -18.35
C CYS B 65 22.10 -40.84 -19.48
N LEU B 66 21.13 -41.21 -20.31
CA LEU B 66 21.39 -42.03 -21.48
C LEU B 66 22.33 -41.33 -22.46
N GLY B 67 23.33 -42.06 -22.96
CA GLY B 67 24.10 -41.48 -24.04
C GLY B 67 24.97 -42.43 -24.84
N THR B 68 25.61 -41.85 -25.84
CA THR B 68 26.70 -42.46 -26.58
C THR B 68 27.94 -41.58 -26.50
N GLY B 69 29.10 -42.20 -26.73
CA GLY B 69 30.37 -41.53 -26.59
C GLY B 69 30.97 -41.13 -27.93
N TRP B 70 32.14 -40.50 -27.83
CA TRP B 70 33.01 -40.17 -28.95
C TRP B 70 34.32 -40.93 -28.78
N PRO B 71 34.35 -42.23 -29.02
CA PRO B 71 35.63 -42.94 -28.89
C PRO B 71 36.59 -42.61 -30.02
N GLY B 72 37.88 -42.86 -29.75
CA GLY B 72 38.89 -42.81 -30.80
C GLY B 72 38.68 -43.87 -31.85
N THR B 73 37.99 -44.96 -31.51
CA THR B 73 37.65 -45.93 -32.54
C THR B 73 36.39 -45.40 -33.21
N ASN B 74 36.50 -44.98 -34.48
CA ASN B 74 35.30 -44.38 -35.07
C ASN B 74 34.47 -45.54 -35.61
N THR B 75 33.53 -46.01 -34.79
CA THR B 75 32.76 -47.19 -35.14
C THR B 75 31.34 -47.02 -34.62
N THR B 76 30.54 -48.10 -34.70
CA THR B 76 29.14 -48.02 -34.34
C THR B 76 29.03 -47.70 -32.86
N ALA B 77 28.11 -46.80 -32.51
CA ALA B 77 27.87 -46.46 -31.10
C ALA B 77 26.94 -47.47 -30.43
N SER B 78 27.03 -47.52 -29.10
CA SER B 78 26.00 -48.17 -28.29
C SER B 78 25.65 -47.33 -27.07
N LEU B 79 24.58 -47.74 -26.42
CA LEU B 79 24.00 -47.05 -25.30
C LEU B 79 24.84 -47.18 -24.03
N GLY B 80 24.90 -46.11 -23.25
CA GLY B 80 25.56 -46.15 -21.97
C GLY B 80 24.89 -45.16 -21.04
N MET B 81 25.22 -45.29 -19.76
CA MET B 81 24.77 -44.36 -18.73
C MET B 81 25.94 -43.51 -18.29
N TYR B 82 25.70 -42.20 -18.12
CA TYR B 82 26.76 -41.25 -17.79
C TYR B 82 26.26 -40.20 -16.80
N GLU B 83 27.21 -39.68 -16.03
CA GLU B 83 27.00 -38.48 -15.25
C GLU B 83 26.40 -37.42 -16.14
N CYS B 84 25.34 -36.77 -15.66
CA CYS B 84 24.55 -35.93 -16.55
C CYS B 84 25.26 -34.64 -16.89
N ASP B 85 26.29 -34.26 -16.15
CA ASP B 85 27.00 -33.05 -16.51
C ASP B 85 28.06 -33.26 -17.59
N ARG B 86 28.18 -34.44 -18.17
CA ARG B 86 29.25 -34.60 -19.16
C ARG B 86 28.64 -34.37 -20.53
N GLU B 87 28.63 -33.10 -20.95
CA GLU B 87 27.95 -32.75 -22.19
C GLU B 87 28.93 -32.61 -23.35
N ALA B 88 30.21 -32.93 -23.14
CA ALA B 88 31.06 -33.32 -24.27
C ALA B 88 30.63 -34.64 -24.90
N LEU B 89 30.03 -35.55 -24.12
CA LEU B 89 29.50 -36.78 -24.68
C LEU B 89 28.17 -36.47 -25.37
N ASN B 90 27.57 -37.47 -26.00
CA ASN B 90 26.28 -37.26 -26.63
C ASN B 90 25.22 -37.76 -25.66
N LEU B 91 24.69 -36.82 -24.89
CA LEU B 91 23.59 -37.07 -23.97
C LEU B 91 22.27 -36.58 -24.49
N ARG B 92 22.23 -36.08 -25.73
CA ARG B 92 21.08 -35.38 -26.27
C ARG B 92 20.22 -36.33 -27.09
N TRP B 93 18.94 -36.40 -26.75
CA TRP B 93 18.00 -37.25 -27.48
C TRP B 93 16.82 -36.41 -27.92
N HIS B 94 16.03 -36.97 -28.81
CA HIS B 94 14.85 -36.34 -29.37
C HIS B 94 13.70 -37.33 -29.27
N CYS B 95 12.60 -36.92 -28.64
CA CYS B 95 11.57 -37.87 -28.25
C CYS B 95 10.81 -38.40 -29.46
N ARG B 96 10.88 -37.74 -30.61
CA ARG B 96 10.21 -38.25 -31.79
C ARG B 96 10.92 -39.48 -32.32
N THR B 97 12.25 -39.47 -32.31
CA THR B 97 13.06 -40.49 -32.93
C THR B 97 13.64 -41.51 -31.95
N LEU B 98 13.37 -41.38 -30.66
CA LEU B 98 14.05 -42.18 -29.64
C LEU B 98 13.78 -43.68 -29.81
N GLY B 99 12.52 -44.05 -30.04
CA GLY B 99 12.21 -45.45 -30.27
C GLY B 99 13.07 -46.04 -31.37
N ASP B 100 13.13 -45.35 -32.52
CA ASP B 100 13.94 -45.83 -33.64
C ASP B 100 15.40 -45.93 -33.26
N GLN B 101 15.92 -44.90 -32.59
CA GLN B 101 17.34 -44.87 -32.28
C GLN B 101 17.70 -45.93 -31.23
N LEU B 102 16.81 -46.18 -30.27
CA LEU B 102 17.04 -47.28 -29.33
C LEU B 102 17.15 -48.62 -30.07
N SER B 103 16.24 -48.88 -31.00
CA SER B 103 16.28 -50.14 -31.75
C SER B 103 17.60 -50.25 -32.50
N LEU B 104 18.00 -49.16 -33.16
CA LEU B 104 19.27 -49.14 -33.89
C LEU B 104 20.45 -49.35 -32.95
N LEU B 105 20.52 -48.57 -31.88
CA LEU B 105 21.72 -48.63 -31.06
C LEU B 105 21.83 -49.95 -30.27
N LEU B 106 20.70 -50.55 -29.88
CA LEU B 106 20.75 -51.84 -29.20
C LEU B 106 21.31 -52.91 -30.12
N GLY B 107 20.96 -52.86 -31.40
CA GLY B 107 21.61 -53.70 -32.37
C GLY B 107 21.08 -55.13 -32.31
N ALA B 108 21.88 -56.06 -32.81
CA ALA B 108 21.49 -57.45 -32.76
C ALA B 108 22.74 -58.30 -32.61
N ARG B 109 22.71 -59.24 -31.68
CA ARG B 109 23.74 -60.25 -31.72
C ARG B 109 23.40 -61.25 -32.83
N THR B 110 24.42 -61.97 -33.30
CA THR B 110 24.15 -63.03 -34.27
C THR B 110 23.16 -64.07 -33.74
N SER B 111 23.22 -64.38 -32.44
CA SER B 111 22.22 -65.27 -31.82
C SER B 111 20.79 -64.79 -32.05
N ASN B 112 20.55 -63.48 -32.10
CA ASN B 112 19.18 -62.98 -32.26
C ASN B 112 18.68 -63.19 -33.66
N ILE B 113 19.56 -63.16 -34.67
CA ILE B 113 19.15 -63.33 -36.05
C ILE B 113 19.42 -64.73 -36.58
N SER B 114 19.98 -65.63 -35.77
CA SER B 114 20.08 -67.02 -36.21
C SER B 114 19.66 -67.93 -35.07
N LYS B 115 18.39 -68.24 -35.00
CA LYS B 115 17.85 -68.94 -33.87
C LYS B 115 17.20 -70.20 -34.39
N PRO B 116 16.99 -71.19 -33.54
CA PRO B 116 16.40 -72.46 -34.01
C PRO B 116 14.98 -72.25 -34.52
N GLY B 117 14.64 -72.98 -35.59
CA GLY B 117 13.29 -73.08 -36.08
C GLY B 117 12.91 -72.06 -37.12
N THR B 118 13.74 -71.05 -37.32
CA THR B 118 13.42 -69.88 -38.13
C THR B 118 13.89 -70.00 -39.57
N LEU B 119 14.31 -71.19 -40.01
CA LEU B 119 14.77 -71.39 -41.39
C LEU B 119 13.80 -70.80 -42.42
N GLU B 120 12.52 -70.65 -42.08
CA GLU B 120 11.60 -69.92 -42.95
C GLU B 120 11.91 -68.42 -42.96
N ARG B 121 12.08 -67.80 -41.78
CA ARG B 121 12.38 -66.37 -41.64
C ARG B 121 12.57 -65.96 -40.17
N GLY B 122 13.38 -64.94 -39.89
CA GLY B 122 13.43 -64.31 -38.57
C GLY B 122 12.73 -62.95 -38.57
N ASP B 123 12.13 -62.60 -37.44
CA ASP B 123 11.33 -61.37 -37.42
C ASP B 123 11.22 -60.81 -36.01
N GLN B 124 10.94 -59.51 -35.96
CA GLN B 124 10.52 -58.81 -34.74
C GLN B 124 9.64 -57.64 -35.16
N GLY B 128 8.12 -53.08 -33.77
CA GLY B 128 9.36 -52.49 -33.27
C GLY B 128 9.17 -51.19 -32.50
N GLN B 129 8.08 -50.49 -32.80
CA GLN B 129 7.75 -49.20 -32.20
C GLN B 129 7.73 -49.26 -30.67
N TRP B 130 8.20 -48.19 -30.02
CA TRP B 130 8.30 -48.11 -28.56
C TRP B 130 7.28 -47.12 -28.01
N ARG B 131 6.87 -47.37 -26.77
CA ARG B 131 5.77 -46.64 -26.17
C ARG B 131 5.99 -46.58 -24.66
N ILE B 132 5.24 -45.70 -24.00
CA ILE B 132 5.25 -45.67 -22.55
C ILE B 132 4.52 -46.90 -22.03
N TYR B 133 5.12 -47.60 -21.08
CA TYR B 133 4.47 -48.75 -20.45
C TYR B 133 3.17 -48.29 -19.80
N GLY B 134 2.20 -49.20 -19.72
CA GLY B 134 0.87 -48.72 -19.40
C GLY B 134 0.27 -47.97 -20.58
N SER B 135 0.05 -46.66 -20.42
CA SER B 135 -0.82 -45.85 -21.27
C SER B 135 -0.65 -46.10 -22.76
N GLU B 136 0.52 -46.60 -23.18
CA GLU B 136 0.82 -46.86 -24.59
C GLU B 136 0.80 -45.56 -25.41
N GLU B 137 1.05 -44.44 -24.74
CA GLU B 137 1.38 -43.21 -25.41
C GLU B 137 2.82 -43.27 -25.96
N ASP B 138 3.11 -42.40 -26.92
CA ASP B 138 4.47 -42.41 -27.46
C ASP B 138 5.41 -41.73 -26.45
N LEU B 139 6.71 -41.72 -26.77
CA LEU B 139 7.71 -41.29 -25.80
C LEU B 139 7.78 -39.78 -25.65
N CYS B 140 7.05 -39.02 -26.46
CA CYS B 140 6.90 -37.59 -26.28
C CYS B 140 5.76 -37.21 -25.33
N ALA B 141 5.08 -38.19 -24.74
CA ALA B 141 3.85 -37.90 -23.99
C ALA B 141 4.10 -37.17 -22.67
N LEU B 142 5.29 -37.26 -22.10
CA LEU B 142 5.64 -36.58 -20.85
C LEU B 142 6.89 -35.75 -21.06
N PRO B 143 6.81 -34.71 -21.89
CA PRO B 143 8.00 -33.92 -22.18
C PRO B 143 8.49 -33.18 -20.95
N TYR B 144 9.62 -32.51 -21.09
CA TYR B 144 10.18 -31.70 -20.02
C TYR B 144 9.71 -30.25 -20.16
N HIS B 145 9.34 -29.64 -19.04
CA HIS B 145 8.92 -28.24 -19.01
C HIS B 145 9.81 -27.46 -18.04
N GLU B 146 10.29 -26.31 -18.51
CA GLU B 146 11.01 -25.41 -17.65
C GLU B 146 10.11 -24.88 -16.54
N VAL B 147 10.70 -24.80 -15.35
CA VAL B 147 10.01 -24.41 -14.13
C VAL B 147 10.74 -23.19 -13.62
N TYR B 148 10.10 -22.02 -13.72
CA TYR B 148 10.77 -20.79 -13.30
C TYR B 148 10.79 -20.68 -11.79
N THR B 149 11.94 -20.32 -11.24
CA THR B 149 12.07 -20.23 -9.81
C THR B 149 11.46 -18.95 -9.25
N ILE B 150 11.05 -19.01 -7.98
CA ILE B 150 10.42 -17.90 -7.26
C ILE B 150 11.37 -17.45 -6.16
N GLN B 151 11.64 -16.15 -6.10
CA GLN B 151 12.56 -15.57 -5.14
C GLN B 151 13.89 -16.31 -5.23
N GLY B 152 14.53 -16.63 -4.12
CA GLY B 152 15.84 -17.18 -4.45
C GLY B 152 16.84 -16.10 -4.83
N ASN B 153 17.97 -16.55 -5.39
CA ASN B 153 18.99 -15.65 -5.89
C ASN B 153 19.17 -15.69 -7.40
N SER B 154 18.28 -16.33 -8.13
CA SER B 154 18.48 -16.59 -9.55
C SER B 154 17.68 -15.70 -10.49
N HIS B 155 16.93 -14.72 -9.96
CA HIS B 155 16.18 -13.79 -10.80
C HIS B 155 15.16 -14.49 -11.68
N GLY B 156 14.61 -15.62 -11.19
CA GLY B 156 13.55 -16.33 -11.86
C GLY B 156 14.02 -17.40 -12.80
N LYS B 157 15.33 -17.59 -12.93
CA LYS B 157 15.87 -18.52 -13.91
C LYS B 157 15.31 -19.92 -13.65
N PRO B 158 15.00 -20.67 -14.69
CA PRO B 158 14.37 -21.99 -14.49
C PRO B 158 15.24 -22.95 -13.69
N CYS B 159 14.59 -23.94 -13.08
CA CYS B 159 15.33 -25.00 -12.43
C CYS B 159 16.27 -25.67 -13.43
N THR B 160 17.48 -25.98 -12.99
CA THR B 160 18.38 -26.83 -13.77
C THR B 160 18.14 -28.26 -13.31
N ILE B 161 17.47 -29.03 -14.15
CA ILE B 161 17.13 -30.41 -13.87
C ILE B 161 17.91 -31.28 -14.85
N PRO B 162 18.70 -32.23 -14.35
CA PRO B 162 18.99 -32.50 -12.93
C PRO B 162 20.04 -31.54 -12.37
N PHE B 163 20.11 -31.39 -11.05
CA PHE B 163 21.17 -30.61 -10.42
C PHE B 163 21.80 -31.44 -9.32
N LYS B 164 23.02 -31.09 -8.98
CA LYS B 164 23.73 -31.77 -7.91
C LYS B 164 23.67 -30.94 -6.63
N TYR B 165 23.23 -31.57 -5.55
CA TYR B 165 23.25 -30.94 -4.24
C TYR B 165 23.76 -31.92 -3.22
N ASP B 166 24.73 -31.48 -2.43
CA ASP B 166 25.36 -32.30 -1.38
C ASP B 166 25.73 -33.68 -1.92
N ASN B 167 26.35 -33.68 -3.10
CA ASN B 167 26.85 -34.89 -3.78
C ASN B 167 25.75 -35.91 -4.03
N GLN B 168 24.54 -35.43 -4.25
CA GLN B 168 23.46 -36.25 -4.77
C GLN B 168 22.85 -35.53 -5.97
N TRP B 169 22.42 -36.33 -6.95
CA TRP B 169 21.72 -35.80 -8.12
C TRP B 169 20.23 -35.75 -7.84
N PHE B 170 19.60 -34.64 -8.25
CA PHE B 170 18.18 -34.43 -8.07
C PHE B 170 17.56 -34.25 -9.45
N HIS B 171 16.50 -35.01 -9.72
CA HIS B 171 15.78 -34.95 -10.99
C HIS B 171 14.52 -34.11 -10.89
N GLY B 172 14.33 -33.40 -9.79
CA GLY B 172 13.25 -32.45 -9.67
C GLY B 172 13.40 -31.61 -8.42
N CYS B 173 12.37 -30.85 -8.11
CA CYS B 173 12.39 -30.04 -6.90
C CYS B 173 12.42 -30.95 -5.69
N THR B 174 13.02 -30.45 -4.61
CA THR B 174 13.25 -31.24 -3.40
C THR B 174 13.19 -30.30 -2.19
N SER B 175 12.85 -30.86 -1.02
CA SER B 175 12.92 -30.12 0.22
C SER B 175 14.20 -30.40 0.98
N THR B 176 15.02 -31.31 0.46
CA THR B 176 16.31 -31.64 1.05
C THR B 176 17.23 -30.43 1.08
N GLY B 177 17.82 -30.17 2.23
CA GLY B 177 18.65 -28.98 2.42
C GLY B 177 17.94 -27.83 3.06
N ARG B 178 16.62 -27.93 3.22
CA ARG B 178 15.84 -26.92 3.93
C ARG B 178 15.09 -27.61 5.06
N GLU B 179 14.75 -26.84 6.09
CA GLU B 179 13.94 -27.34 7.20
C GLU B 179 12.49 -26.90 7.13
N ASP B 180 12.12 -26.02 6.20
CA ASP B 180 10.82 -25.38 6.21
C ASP B 180 9.81 -26.03 5.25
N GLY B 181 10.19 -27.11 4.58
CA GLY B 181 9.31 -27.77 3.64
C GLY B 181 9.25 -27.18 2.24
N HIS B 182 9.72 -25.94 2.03
CA HIS B 182 9.53 -25.30 0.74
C HIS B 182 10.42 -25.95 -0.31
N LEU B 183 9.80 -26.45 -1.38
CA LEU B 183 10.51 -27.14 -2.44
C LEU B 183 11.37 -26.16 -3.22
N TRP B 184 12.60 -26.56 -3.53
CA TRP B 184 13.54 -25.68 -4.19
C TRP B 184 14.33 -26.47 -5.23
N CYS B 185 15.02 -25.75 -6.11
CA CYS B 185 15.89 -26.38 -7.09
C CYS B 185 17.11 -25.50 -7.32
N ALA B 186 18.22 -26.10 -7.73
CA ALA B 186 19.36 -25.27 -8.14
C ALA B 186 19.11 -24.73 -9.54
N THR B 187 19.65 -23.56 -9.83
CA THR B 187 19.55 -23.00 -11.17
C THR B 187 20.82 -23.13 -11.99
N THR B 188 21.86 -23.76 -11.44
CA THR B 188 22.89 -24.45 -12.23
C THR B 188 22.90 -25.91 -11.81
N GLN B 189 23.77 -26.71 -12.43
CA GLN B 189 23.74 -28.14 -12.18
C GLN B 189 24.59 -28.55 -10.98
N ASP B 190 25.45 -27.66 -10.49
CA ASP B 190 26.19 -27.92 -9.26
C ASP B 190 25.87 -26.80 -8.27
N TYR B 191 25.08 -27.11 -7.24
CA TYR B 191 24.76 -26.10 -6.25
C TYR B 191 25.96 -25.79 -5.36
N GLY B 192 26.77 -26.80 -5.03
CA GLY B 192 27.97 -26.55 -4.23
C GLY B 192 28.87 -25.51 -4.86
N LYS B 193 29.12 -25.63 -6.17
CA LYS B 193 29.84 -24.62 -6.91
C LYS B 193 29.16 -23.26 -6.90
N ASP B 194 27.98 -23.15 -7.52
CA ASP B 194 27.42 -21.83 -7.80
C ASP B 194 26.44 -21.29 -6.75
N GLU B 195 25.87 -22.14 -5.88
CA GLU B 195 24.91 -21.71 -4.86
C GLU B 195 23.79 -20.84 -5.45
N ARG B 196 23.33 -21.20 -6.63
CA ARG B 196 22.26 -20.47 -7.30
C ARG B 196 21.00 -21.31 -7.26
N TRP B 197 19.91 -20.72 -6.80
CA TRP B 197 18.75 -21.51 -6.44
C TRP B 197 17.53 -20.62 -6.47
N GLY B 198 16.40 -21.26 -6.19
CA GLY B 198 15.15 -20.60 -6.09
C GLY B 198 14.11 -21.63 -5.71
N PHE B 199 12.96 -21.13 -5.29
CA PHE B 199 11.88 -22.02 -4.87
C PHE B 199 11.10 -22.50 -6.09
N CYS B 200 10.50 -23.63 -5.93
CA CYS B 200 9.65 -24.12 -6.99
C CYS B 200 8.21 -23.61 -6.81
N PRO B 201 7.59 -23.22 -7.92
CA PRO B 201 6.19 -22.82 -7.88
C PRO B 201 5.34 -23.94 -7.32
N ILE B 202 4.41 -23.56 -6.43
CA ILE B 202 3.38 -24.49 -6.00
C ILE B 202 2.02 -23.91 -6.35
N LYS B 203 1.04 -24.78 -6.55
CA LYS B 203 -0.35 -24.40 -6.72
C LYS B 203 -1.06 -24.69 -5.41
N SER B 204 -1.64 -23.66 -4.80
CA SER B 204 -2.44 -23.87 -3.61
C SER B 204 -3.37 -22.68 -3.43
N ASN B 205 -4.21 -22.76 -2.40
CA ASN B 205 -5.09 -21.67 -2.01
C ASN B 205 -4.49 -20.80 -0.91
N ASP B 206 -3.27 -21.10 -0.46
CA ASP B 206 -2.60 -20.29 0.54
C ASP B 206 -2.02 -19.04 -0.12
N CYS B 207 -2.33 -17.89 0.45
CA CYS B 207 -1.65 -16.64 0.13
C CYS B 207 -0.63 -16.22 1.19
N GLU B 208 -0.33 -17.09 2.16
CA GLU B 208 0.46 -16.65 3.31
C GLU B 208 1.92 -16.40 2.93
N THR B 209 2.48 -17.19 2.01
CA THR B 209 3.89 -17.06 1.70
C THR B 209 4.11 -17.03 0.19
N PHE B 210 4.99 -16.11 -0.24
CA PHE B 210 5.16 -15.72 -1.63
C PHE B 210 3.92 -15.03 -2.22
N TRP B 211 3.05 -14.50 -1.37
CA TRP B 211 1.84 -13.80 -1.80
C TRP B 211 1.48 -12.73 -0.77
N ASP B 212 0.80 -11.70 -1.23
CA ASP B 212 0.13 -10.73 -0.38
C ASP B 212 -1.34 -10.72 -0.75
N LYS B 213 -2.21 -10.78 0.25
CA LYS B 213 -3.65 -10.76 0.04
C LYS B 213 -4.16 -9.34 0.22
N ASP B 214 -4.94 -8.85 -0.76
CA ASP B 214 -5.74 -7.65 -0.57
C ASP B 214 -6.97 -8.06 0.22
N GLN B 215 -7.10 -7.53 1.43
CA GLN B 215 -8.03 -8.10 2.40
C GLN B 215 -9.47 -7.74 2.10
N LEU B 216 -9.71 -6.59 1.47
CA LEU B 216 -11.08 -6.22 1.10
C LEU B 216 -11.65 -7.18 0.07
N THR B 217 -10.81 -7.67 -0.84
CA THR B 217 -11.21 -8.60 -1.89
C THR B 217 -10.68 -10.01 -1.57
N ASP B 218 -10.88 -10.92 -2.52
CA ASP B 218 -10.30 -12.25 -2.43
C ASP B 218 -8.96 -12.36 -3.15
N SER B 219 -8.41 -11.25 -3.63
CA SER B 219 -7.31 -11.26 -4.59
C SER B 219 -5.95 -11.36 -3.91
N CYS B 220 -5.08 -12.20 -4.47
CA CYS B 220 -3.72 -12.37 -3.99
C CYS B 220 -2.73 -11.95 -5.06
N TYR B 221 -1.59 -11.41 -4.60
CA TYR B 221 -0.66 -10.72 -5.46
C TYR B 221 0.75 -11.15 -5.10
N GLN B 222 1.58 -11.32 -6.13
CA GLN B 222 2.97 -11.67 -5.98
C GLN B 222 3.78 -10.73 -6.86
N PHE B 223 4.60 -9.90 -6.25
CA PHE B 223 5.41 -8.93 -6.97
C PHE B 223 6.85 -9.45 -6.97
N ASN B 224 7.29 -9.97 -8.12
CA ASN B 224 8.60 -10.60 -8.15
C ASN B 224 9.55 -9.51 -8.65
N PHE B 225 10.03 -8.67 -7.71
CA PHE B 225 10.89 -7.54 -8.05
C PHE B 225 12.27 -8.00 -8.49
N GLN B 226 12.77 -9.12 -7.98
CA GLN B 226 14.13 -9.55 -8.25
C GLN B 226 14.24 -10.38 -9.53
N SER B 227 13.16 -10.58 -10.26
CA SER B 227 13.21 -11.46 -11.41
C SER B 227 13.33 -10.68 -12.69
N THR B 228 14.02 -11.27 -13.65
CA THR B 228 14.17 -10.72 -14.99
C THR B 228 13.74 -11.82 -15.94
N LEU B 229 12.55 -11.67 -16.49
CA LEU B 229 11.94 -12.68 -17.33
C LEU B 229 11.15 -11.99 -18.43
N SER B 230 11.10 -12.63 -19.59
CA SER B 230 10.26 -12.16 -20.68
C SER B 230 8.80 -12.32 -20.31
N TRP B 231 7.95 -11.60 -21.02
CA TRP B 231 6.53 -11.64 -20.73
C TRP B 231 5.97 -13.05 -20.84
N ARG B 232 6.38 -13.79 -21.88
CA ARG B 232 5.88 -15.15 -22.02
C ARG B 232 6.40 -16.03 -20.90
N GLU B 233 7.67 -15.83 -20.52
CA GLU B 233 8.22 -16.60 -19.40
C GLU B 233 7.47 -16.27 -18.11
N ALA B 234 7.20 -14.98 -17.88
CA ALA B 234 6.43 -14.57 -16.72
C ALA B 234 5.02 -15.14 -16.78
N TRP B 235 4.41 -15.16 -17.96
CA TRP B 235 3.10 -15.77 -18.07
C TRP B 235 3.15 -17.21 -17.59
N ALA B 236 4.08 -18.00 -18.13
CA ALA B 236 4.23 -19.37 -17.70
C ALA B 236 4.46 -19.46 -16.20
N SER B 237 5.24 -18.52 -15.64
CA SER B 237 5.57 -18.58 -14.22
C SER B 237 4.31 -18.41 -13.37
N CYS B 238 3.43 -17.47 -13.75
CA CYS B 238 2.20 -17.34 -13.01
C CYS B 238 1.30 -18.54 -13.26
N GLU B 239 1.30 -19.06 -14.48
CA GLU B 239 0.51 -20.25 -14.80
C GLU B 239 0.93 -21.45 -13.94
N GLN B 240 2.25 -21.62 -13.72
CA GLN B 240 2.75 -22.72 -12.91
C GLN B 240 2.34 -22.62 -11.44
N GLN B 241 1.93 -21.44 -10.99
CA GLN B 241 1.51 -21.25 -9.61
C GLN B 241 0.00 -21.32 -9.45
N GLY B 242 -0.72 -21.69 -10.49
CA GLY B 242 -2.17 -21.67 -10.44
C GLY B 242 -2.68 -20.25 -10.44
N ALA B 243 -2.02 -19.38 -11.17
CA ALA B 243 -2.26 -17.94 -11.14
C ALA B 243 -2.17 -17.41 -12.55
N ASP B 244 -2.23 -16.10 -12.69
CA ASP B 244 -2.10 -15.47 -14.00
C ASP B 244 -1.39 -14.14 -13.82
N LEU B 245 -0.91 -13.59 -14.93
CA LEU B 245 -0.30 -12.27 -14.88
C LEU B 245 -1.31 -11.24 -14.37
N LEU B 246 -0.79 -10.23 -13.66
CA LEU B 246 -1.67 -9.24 -13.06
C LEU B 246 -2.61 -8.64 -14.09
N SER B 247 -3.89 -8.62 -13.75
CA SER B 247 -4.88 -7.78 -14.41
C SER B 247 -5.41 -6.74 -13.43
N ILE B 248 -5.54 -5.51 -13.88
CA ILE B 248 -6.10 -4.45 -13.06
C ILE B 248 -7.44 -4.08 -13.66
N THR B 249 -8.52 -4.53 -13.01
CA THR B 249 -9.85 -4.43 -13.57
C THR B 249 -10.65 -3.27 -13.02
N GLU B 250 -10.10 -2.53 -12.08
CA GLU B 250 -10.88 -1.56 -11.31
C GLU B 250 -9.95 -0.47 -10.82
N ILE B 251 -10.52 0.72 -10.60
CA ILE B 251 -9.80 1.77 -9.90
C ILE B 251 -9.37 1.28 -8.53
N HIS B 252 -10.19 0.45 -7.88
CA HIS B 252 -9.85 -0.02 -6.55
C HIS B 252 -8.59 -0.88 -6.57
N GLU B 253 -8.46 -1.75 -7.58
CA GLU B 253 -7.28 -2.60 -7.67
C GLU B 253 -6.03 -1.78 -7.91
N GLN B 254 -6.09 -0.85 -8.86
CA GLN B 254 -4.96 0.05 -9.08
C GLN B 254 -4.60 0.77 -7.80
N THR B 255 -5.62 1.19 -7.03
CA THR B 255 -5.37 1.87 -5.76
C THR B 255 -4.59 0.98 -4.80
N TYR B 256 -5.02 -0.27 -4.64
CA TYR B 256 -4.32 -1.18 -3.73
C TYR B 256 -2.91 -1.47 -4.24
N ILE B 257 -2.75 -1.65 -5.55
CA ILE B 257 -1.41 -1.80 -6.11
C ILE B 257 -0.57 -0.57 -5.79
N ASN B 258 -1.10 0.60 -6.11
CA ASN B 258 -0.33 1.83 -5.91
C ASN B 258 0.12 1.95 -4.46
N GLY B 259 -0.79 1.72 -3.52
CA GLY B 259 -0.40 1.72 -2.12
C GLY B 259 0.72 0.73 -1.85
N LEU B 260 0.56 -0.48 -2.36
CA LEU B 260 1.55 -1.53 -2.10
C LEU B 260 2.90 -1.20 -2.72
N LEU B 261 2.92 -0.43 -3.81
CA LEU B 261 4.16 -0.12 -4.50
C LEU B 261 4.89 1.09 -3.94
N THR B 262 4.36 1.73 -2.88
CA THR B 262 4.97 2.96 -2.40
C THR B 262 6.34 2.67 -1.82
N GLY B 263 7.32 3.50 -2.17
CA GLY B 263 8.67 3.30 -1.72
C GLY B 263 9.47 2.28 -2.50
N TYR B 264 8.93 1.73 -3.59
CA TYR B 264 9.71 0.86 -4.46
C TYR B 264 9.92 1.55 -5.79
N SER B 265 10.99 1.15 -6.45
CA SER B 265 11.35 1.65 -7.77
C SER B 265 11.40 0.42 -8.67
N SER B 266 10.42 0.29 -9.56
CA SER B 266 10.36 -0.92 -10.37
C SER B 266 9.50 -0.71 -11.61
N THR B 267 9.71 -1.59 -12.58
CA THR B 267 8.94 -1.70 -13.81
C THR B 267 8.65 -3.17 -14.02
N LEU B 268 7.35 -3.54 -14.07
CA LEU B 268 6.99 -4.95 -14.00
C LEU B 268 5.96 -5.33 -15.05
N TRP B 269 6.17 -6.51 -15.65
CA TRP B 269 5.19 -7.09 -16.56
C TRP B 269 3.86 -7.34 -15.87
N ILE B 270 2.77 -6.99 -16.54
CA ILE B 270 1.42 -7.36 -16.16
C ILE B 270 0.76 -8.05 -17.35
N GLY B 271 -0.50 -8.49 -17.17
CA GLY B 271 -1.18 -9.33 -18.13
C GLY B 271 -1.75 -8.65 -19.37
N LEU B 272 -1.39 -7.39 -19.59
CA LEU B 272 -1.97 -6.57 -20.65
C LEU B 272 -1.16 -6.73 -21.93
N ASN B 273 -1.84 -7.02 -23.04
CA ASN B 273 -1.17 -7.24 -24.30
C ASN B 273 -2.13 -7.04 -25.46
N ASP B 274 -1.58 -6.75 -26.64
CA ASP B 274 -2.26 -6.96 -27.91
C ASP B 274 -1.47 -8.01 -28.70
N LEU B 275 -1.97 -9.25 -28.73
CA LEU B 275 -1.19 -10.34 -29.28
C LEU B 275 -1.98 -11.14 -30.29
N ASP B 276 -3.06 -11.79 -29.83
CA ASP B 276 -3.88 -12.60 -30.73
C ASP B 276 -4.38 -11.80 -31.92
N THR B 277 -4.84 -10.57 -31.69
CA THR B 277 -5.29 -9.68 -32.75
C THR B 277 -4.60 -8.34 -32.57
N SER B 278 -3.78 -7.95 -33.55
CA SER B 278 -2.87 -6.82 -33.39
C SER B 278 -3.62 -5.53 -33.08
N GLY B 279 -3.18 -4.86 -32.02
CA GLY B 279 -3.69 -3.56 -31.61
C GLY B 279 -4.85 -3.59 -30.63
N GLY B 280 -5.63 -4.67 -30.60
CA GLY B 280 -6.61 -4.84 -29.55
C GLY B 280 -5.95 -5.23 -28.23
N TRP B 281 -6.16 -4.44 -27.19
CA TRP B 281 -5.54 -4.71 -25.89
C TRP B 281 -6.48 -5.52 -25.02
N GLN B 282 -5.91 -6.42 -24.23
CA GLN B 282 -6.71 -7.32 -23.41
C GLN B 282 -5.87 -7.84 -22.26
N TRP B 283 -6.54 -8.36 -21.23
CA TRP B 283 -5.90 -9.01 -20.11
C TRP B 283 -5.69 -10.50 -20.42
N SER B 284 -4.53 -11.03 -20.00
CA SER B 284 -4.23 -12.42 -20.28
C SER B 284 -5.14 -13.37 -19.51
N ASP B 285 -5.68 -12.93 -18.38
CA ASP B 285 -6.57 -13.75 -17.57
C ASP B 285 -8.02 -13.64 -18.01
N ASN B 286 -8.28 -12.88 -19.09
CA ASN B 286 -9.60 -12.73 -19.68
C ASN B 286 -10.58 -12.04 -18.72
N SER B 287 -10.14 -10.98 -18.16
CA SER B 287 -10.90 -9.95 -17.45
C SER B 287 -11.36 -8.89 -18.45
N PRO B 288 -12.55 -8.33 -18.27
CA PRO B 288 -12.99 -7.25 -19.16
C PRO B 288 -12.07 -6.06 -18.99
N LEU B 289 -11.99 -5.22 -20.02
CA LEU B 289 -11.10 -4.07 -19.94
C LEU B 289 -11.98 -2.89 -19.53
N LYS B 290 -12.12 -2.73 -18.20
CA LYS B 290 -12.92 -1.70 -17.55
C LYS B 290 -12.12 -0.43 -17.32
N TYR B 291 -10.84 -0.58 -17.00
CA TYR B 291 -10.01 0.48 -16.46
C TYR B 291 -8.73 0.58 -17.28
N LEU B 292 -8.27 1.81 -17.53
CA LEU B 292 -7.03 2.04 -18.25
C LEU B 292 -6.25 3.13 -17.54
N ASN B 293 -5.05 2.79 -17.08
CA ASN B 293 -4.13 3.73 -16.46
C ASN B 293 -2.99 4.18 -17.38
N TRP B 294 -3.14 4.02 -18.69
CA TRP B 294 -2.08 4.44 -19.62
C TRP B 294 -1.57 5.84 -19.28
N GLU B 295 -0.25 6.01 -19.42
CA GLU B 295 0.35 7.32 -19.31
C GLU B 295 -0.10 8.21 -20.47
N SER B 296 0.05 9.52 -20.28
CA SER B 296 -0.49 10.50 -21.22
C SER B 296 -0.01 10.29 -22.64
N ASP B 297 1.10 9.56 -22.83
CA ASP B 297 1.56 9.19 -24.15
C ASP B 297 1.04 7.80 -24.55
N GLN B 298 1.44 6.78 -23.79
CA GLN B 298 1.16 5.38 -24.11
C GLN B 298 -0.33 5.07 -24.27
N PRO B 299 -0.66 4.01 -25.04
CA PRO B 299 0.23 3.10 -25.78
C PRO B 299 0.92 3.75 -26.96
N ASP B 300 2.19 3.42 -27.16
CA ASP B 300 3.01 3.93 -28.24
C ASP B 300 3.32 2.80 -29.21
N ASN B 301 4.08 3.14 -30.25
CA ASN B 301 4.82 2.24 -31.13
C ASN B 301 4.10 0.90 -31.34
N PRO B 302 2.90 0.89 -31.94
CA PRO B 302 2.19 -0.38 -32.12
C PRO B 302 2.92 -1.32 -33.06
N SER B 303 2.59 -2.60 -32.95
CA SER B 303 3.27 -3.69 -33.64
C SER B 303 4.77 -3.71 -33.35
N GLU B 304 5.15 -3.09 -32.23
CA GLU B 304 6.52 -3.08 -31.73
C GLU B 304 6.50 -3.45 -30.25
N GLU B 305 5.81 -2.66 -29.44
CA GLU B 305 5.67 -2.93 -28.01
C GLU B 305 4.27 -3.49 -27.76
N ASN B 306 4.19 -4.82 -27.60
CA ASN B 306 2.91 -5.51 -27.48
C ASN B 306 2.52 -5.95 -26.07
N CYS B 307 3.35 -5.70 -25.05
CA CYS B 307 3.04 -6.18 -23.70
C CYS B 307 3.11 -5.02 -22.70
N GLY B 308 2.25 -5.07 -21.70
CA GLY B 308 2.12 -3.97 -20.76
C GLY B 308 2.99 -4.09 -19.50
N VAL B 309 3.36 -2.94 -18.95
CA VAL B 309 4.09 -2.88 -17.71
C VAL B 309 3.45 -1.83 -16.83
N ILE B 310 3.65 -1.97 -15.52
CA ILE B 310 3.33 -0.94 -14.55
C ILE B 310 4.64 -0.38 -14.05
N ARG B 311 4.67 0.94 -13.83
CA ARG B 311 5.90 1.60 -13.40
C ARG B 311 5.63 2.38 -12.13
N THR B 312 6.51 2.19 -11.13
CA THR B 312 6.46 3.03 -9.94
C THR B 312 6.78 4.49 -10.27
N GLU B 313 7.58 4.73 -11.32
CA GLU B 313 7.97 6.09 -11.68
C GLU B 313 6.75 6.95 -12.00
N SER B 314 5.79 6.40 -12.75
CA SER B 314 4.54 7.08 -13.04
C SER B 314 3.49 6.84 -11.96
N SER B 315 3.86 6.21 -10.84
CA SER B 315 2.97 5.97 -9.71
C SER B 315 1.79 5.07 -10.12
N GLY B 316 2.11 3.96 -10.77
CA GLY B 316 1.11 2.99 -11.17
C GLY B 316 0.68 3.05 -12.61
N GLY B 317 1.32 3.90 -13.42
CA GLY B 317 0.92 4.05 -14.80
C GLY B 317 1.48 2.96 -15.67
N TRP B 318 0.85 2.78 -16.83
CA TRP B 318 1.16 1.67 -17.72
C TRP B 318 1.83 2.17 -18.98
N GLN B 319 2.80 1.40 -19.47
CA GLN B 319 3.35 1.55 -20.81
C GLN B 319 3.31 0.20 -21.50
N ASN B 320 3.48 0.25 -22.81
CA ASN B 320 3.78 -0.95 -23.60
C ASN B 320 5.30 -1.05 -23.78
N ARG B 321 5.80 -2.28 -23.78
CA ARG B 321 7.20 -2.54 -24.02
C ARG B 321 7.32 -3.77 -24.89
N ASP B 322 8.44 -3.88 -25.60
CA ASP B 322 8.69 -5.08 -26.39
C ASP B 322 8.69 -6.30 -25.49
N CYS B 323 7.91 -7.31 -25.87
CA CYS B 323 7.67 -8.47 -25.02
C CYS B 323 8.91 -9.30 -24.76
N SER B 324 10.01 -9.05 -25.47
CA SER B 324 11.20 -9.86 -25.27
C SER B 324 12.05 -9.38 -24.11
N ILE B 325 11.81 -8.18 -23.59
CA ILE B 325 12.67 -7.62 -22.55
C ILE B 325 12.47 -8.38 -21.24
N ALA B 326 13.56 -8.57 -20.50
CA ALA B 326 13.49 -9.26 -19.22
C ALA B 326 13.15 -8.26 -18.12
N LEU B 327 12.10 -8.55 -17.36
CA LEU B 327 11.59 -7.63 -16.37
C LEU B 327 11.07 -8.41 -15.18
N PRO B 328 10.94 -7.78 -14.03
CA PRO B 328 10.10 -8.34 -12.96
C PRO B 328 8.64 -8.37 -13.42
N TYR B 329 7.81 -9.12 -12.68
CA TYR B 329 6.43 -9.32 -13.10
C TYR B 329 5.55 -9.56 -11.88
N VAL B 330 4.27 -9.30 -12.07
CA VAL B 330 3.27 -9.44 -11.01
C VAL B 330 2.34 -10.60 -11.34
N CYS B 331 2.16 -11.50 -10.39
CA CYS B 331 1.18 -12.57 -10.50
C CYS B 331 -0.01 -12.29 -9.59
N LYS B 332 -1.18 -12.74 -10.01
CA LYS B 332 -2.43 -12.50 -9.31
C LYS B 332 -3.22 -13.80 -9.32
N LYS B 333 -3.92 -14.08 -8.22
CA LYS B 333 -4.84 -15.21 -8.17
C LYS B 333 -5.94 -14.90 -7.18
N LYS B 334 -7.07 -15.63 -7.31
CA LYS B 334 -8.26 -15.43 -6.49
C LYS B 334 -8.75 -16.77 -5.98
N PRO B 335 -8.03 -17.38 -5.03
CA PRO B 335 -8.34 -18.77 -4.63
C PRO B 335 -9.64 -18.92 -3.84
N ASN B 336 -10.19 -17.83 -3.29
CA ASN B 336 -11.35 -17.90 -2.40
C ASN B 336 -11.08 -18.78 -1.17
N ALA B 337 -9.98 -18.47 -0.47
CA ALA B 337 -9.61 -19.19 0.76
C ALA B 337 -8.53 -18.42 1.55
N ILE B 414 -23.14 3.25 -27.77
CA ILE B 414 -23.98 2.62 -26.75
C ILE B 414 -23.96 3.40 -25.45
N GLY B 415 -24.30 2.74 -24.36
CA GLY B 415 -24.39 3.40 -23.08
C GLY B 415 -23.09 3.40 -22.31
N LEU B 416 -21.97 3.22 -23.00
CA LEU B 416 -20.67 3.19 -22.35
C LEU B 416 -20.13 4.61 -22.22
N ASN B 417 -19.70 4.97 -21.01
CA ASN B 417 -19.15 6.30 -20.78
C ASN B 417 -18.09 6.23 -19.68
N ASP B 418 -17.00 6.98 -19.88
CA ASP B 418 -16.02 7.27 -18.84
C ASP B 418 -16.28 8.62 -18.18
N LEU B 419 -17.41 9.26 -18.47
CA LEU B 419 -17.68 10.63 -18.04
C LEU B 419 -17.54 10.83 -16.53
N LYS B 420 -17.87 9.82 -15.73
CA LYS B 420 -17.76 9.97 -14.28
C LYS B 420 -16.30 10.21 -13.86
N LEU B 421 -15.41 9.31 -14.25
CA LEU B 421 -13.98 9.52 -14.08
C LEU B 421 -13.24 8.96 -15.29
N GLN B 422 -12.30 9.74 -15.81
CA GLN B 422 -11.68 9.44 -17.10
C GLN B 422 -11.02 8.07 -17.10
N MET B 423 -11.22 7.35 -18.21
CA MET B 423 -10.64 6.03 -18.48
C MET B 423 -11.05 4.97 -17.45
N ASN B 424 -12.16 5.19 -16.76
CA ASN B 424 -12.81 4.16 -15.95
C ASN B 424 -14.25 4.07 -16.44
N PHE B 425 -14.60 2.95 -17.05
CA PHE B 425 -15.82 2.89 -17.85
C PHE B 425 -16.96 2.22 -17.10
N GLU B 426 -18.14 2.84 -17.22
CA GLU B 426 -19.37 2.39 -16.59
C GLU B 426 -20.50 2.52 -17.61
N TRP B 427 -21.39 1.54 -17.61
CA TRP B 427 -22.58 1.62 -18.43
C TRP B 427 -23.53 2.66 -17.86
N SER B 428 -24.46 3.13 -18.71
CA SER B 428 -25.35 4.22 -18.33
C SER B 428 -26.25 3.83 -17.17
N ASP B 429 -26.87 2.65 -17.24
CA ASP B 429 -27.78 2.20 -16.19
C ASP B 429 -27.05 1.77 -14.92
N GLY B 430 -25.73 1.70 -14.94
CA GLY B 430 -25.00 1.14 -13.82
C GLY B 430 -24.91 -0.36 -13.84
N SER B 431 -25.13 -0.99 -14.98
CA SER B 431 -24.99 -2.44 -15.08
C SER B 431 -23.55 -2.84 -14.78
N LEU B 432 -23.41 -4.01 -14.15
CA LEU B 432 -22.09 -4.56 -13.87
C LEU B 432 -21.38 -4.89 -15.19
N VAL B 433 -20.10 -4.56 -15.25
CA VAL B 433 -19.30 -4.79 -16.46
C VAL B 433 -18.61 -6.13 -16.30
N SER B 434 -19.10 -7.15 -17.04
CA SER B 434 -18.38 -8.40 -17.15
C SER B 434 -17.64 -8.56 -18.47
N PHE B 435 -17.84 -7.65 -19.43
CA PHE B 435 -17.27 -7.87 -20.76
C PHE B 435 -17.11 -6.55 -21.48
N THR B 436 -16.06 -6.46 -22.31
CA THR B 436 -15.92 -5.38 -23.28
C THR B 436 -15.46 -5.98 -24.62
N HIS B 437 -15.84 -5.34 -25.70
CA HIS B 437 -15.33 -5.65 -27.03
C HIS B 437 -14.90 -4.34 -27.68
N TRP B 438 -13.59 -4.13 -27.83
CA TRP B 438 -13.07 -2.87 -28.33
C TRP B 438 -12.46 -3.04 -29.71
N HIS B 439 -12.51 -1.97 -30.50
CA HIS B 439 -11.67 -1.90 -31.68
C HIS B 439 -10.22 -1.77 -31.22
N PRO B 440 -9.27 -2.16 -32.06
CA PRO B 440 -7.86 -1.89 -31.74
C PRO B 440 -7.63 -0.40 -31.49
N PHE B 441 -6.77 -0.12 -30.51
CA PHE B 441 -6.46 1.24 -30.07
C PHE B 441 -7.66 1.95 -29.43
N GLU B 442 -8.60 1.19 -28.87
CA GLU B 442 -9.77 1.79 -28.19
C GLU B 442 -9.90 1.29 -26.76
N PRO B 443 -10.31 2.17 -25.82
CA PRO B 443 -10.57 3.61 -25.99
C PRO B 443 -9.30 4.46 -26.15
N ASN B 444 -9.41 5.47 -27.01
CA ASN B 444 -8.29 6.29 -27.43
C ASN B 444 -8.32 7.68 -26.79
N ASN B 445 -9.41 8.42 -26.99
CA ASN B 445 -9.43 9.88 -26.86
C ASN B 445 -8.50 10.50 -27.91
N PHE B 446 -9.00 10.46 -29.16
CA PHE B 446 -8.18 10.65 -30.35
C PHE B 446 -7.29 11.87 -30.24
N ARG B 447 -6.03 11.69 -30.63
CA ARG B 447 -4.96 12.68 -30.42
C ARG B 447 -4.87 12.91 -28.92
N ASP B 448 -4.78 14.15 -28.45
CA ASP B 448 -4.88 14.46 -27.02
C ASP B 448 -6.27 14.93 -26.62
N SER B 449 -7.24 14.86 -27.54
CA SER B 449 -8.58 15.36 -27.27
C SER B 449 -9.30 14.46 -26.26
N LEU B 450 -10.52 14.87 -25.89
CA LEU B 450 -11.31 14.23 -24.86
C LEU B 450 -12.57 13.64 -25.48
N GLU B 451 -12.63 12.31 -25.60
CA GLU B 451 -13.81 11.61 -26.13
C GLU B 451 -14.38 10.72 -25.02
N ASP B 452 -15.49 11.15 -24.42
CA ASP B 452 -15.99 10.52 -23.21
C ASP B 452 -17.19 9.59 -23.43
N CYS B 453 -17.70 9.47 -24.65
CA CYS B 453 -18.83 8.61 -24.94
C CYS B 453 -18.41 7.59 -26.00
N VAL B 454 -18.98 6.40 -25.91
CA VAL B 454 -18.56 5.26 -26.73
C VAL B 454 -19.66 4.94 -27.73
N THR B 455 -19.32 4.95 -29.01
CA THR B 455 -20.21 4.59 -30.10
C THR B 455 -20.05 3.10 -30.43
N ILE B 456 -20.61 2.67 -31.56
CA ILE B 456 -20.31 1.36 -32.14
C ILE B 456 -20.11 1.56 -33.63
N TRP B 457 -19.06 0.94 -34.19
CA TRP B 457 -18.75 1.11 -35.61
C TRP B 457 -18.36 -0.24 -36.20
N GLY B 458 -18.42 -0.31 -37.53
CA GLY B 458 -17.97 -1.47 -38.28
C GLY B 458 -18.85 -2.68 -38.09
N PRO B 459 -18.49 -3.79 -38.76
CA PRO B 459 -19.22 -5.05 -38.53
C PRO B 459 -19.09 -5.55 -37.11
N GLU B 460 -17.91 -5.46 -36.52
CA GLU B 460 -17.71 -5.81 -35.12
C GLU B 460 -16.88 -4.76 -34.41
N ARG B 462 -16.47 -2.31 -32.60
CA ARG B 462 -15.57 -1.17 -32.43
C ARG B 462 -15.64 -0.61 -31.03
N TRP B 463 -16.78 -0.01 -30.70
CA TRP B 463 -17.02 0.63 -29.41
C TRP B 463 -16.10 1.83 -29.21
N ASN B 464 -15.68 2.45 -30.31
CA ASN B 464 -14.82 3.63 -30.27
C ASN B 464 -15.46 4.73 -29.42
N ASP B 465 -14.62 5.52 -28.76
CA ASP B 465 -15.08 6.63 -27.94
C ASP B 465 -15.00 7.94 -28.72
N SER B 466 -16.07 8.74 -28.66
CA SER B 466 -16.21 9.97 -29.43
C SER B 466 -16.95 10.99 -28.57
N PRO B 467 -16.77 12.29 -28.86
CA PRO B 467 -17.37 13.32 -27.99
C PRO B 467 -18.89 13.25 -27.95
N CYS B 468 -19.45 13.74 -26.85
CA CYS B 468 -20.89 13.60 -26.59
C CYS B 468 -21.74 14.62 -27.34
N ASN B 469 -21.21 15.82 -27.59
CA ASN B 469 -21.98 16.80 -28.35
C ASN B 469 -22.21 16.34 -29.79
N GLN B 470 -21.59 15.24 -30.20
CA GLN B 470 -21.82 14.66 -31.52
C GLN B 470 -23.23 14.07 -31.61
N SER B 471 -23.89 14.33 -32.74
CA SER B 471 -25.24 13.85 -32.99
C SER B 471 -25.18 12.52 -33.73
N LEU B 472 -25.61 11.46 -33.07
CA LEU B 472 -25.57 10.10 -33.59
C LEU B 472 -26.90 9.41 -33.27
N PRO B 473 -27.28 8.40 -34.05
CA PRO B 473 -28.48 7.62 -33.70
C PRO B 473 -28.31 6.87 -32.38
N SER B 474 -29.35 6.19 -31.92
CA SER B 474 -29.38 5.68 -30.56
C SER B 474 -30.05 4.31 -30.50
N ILE B 475 -29.64 3.52 -29.53
CA ILE B 475 -30.25 2.24 -29.17
C ILE B 475 -30.82 2.39 -27.76
N CYS B 476 -31.53 1.37 -27.29
CA CYS B 476 -32.12 1.48 -25.97
C CYS B 476 -32.39 0.10 -25.38
N LYS B 477 -32.50 0.09 -24.05
CA LYS B 477 -32.78 -1.06 -23.21
C LYS B 477 -33.81 -2.05 -23.74
CA CA C . -25.52 -2.54 7.47
CA CA D . -28.75 0.72 14.45
CA CA E . -11.31 -0.57 21.95
C1 NAG F . 17.88 51.70 16.70
C2 NAG F . 17.69 53.19 16.45
C3 NAG F . 18.19 53.54 15.05
C4 NAG F . 19.64 53.12 14.90
C5 NAG F . 19.79 51.63 15.23
C6 NAG F . 21.23 51.16 15.22
C7 NAG F . 15.90 54.54 17.46
C8 NAG F . 14.43 54.81 17.51
N2 NAG F . 16.30 53.58 16.62
O3 NAG F . 18.06 54.94 14.84
O4 NAG F . 20.10 53.36 13.58
O5 NAG F . 19.26 51.36 16.55
O6 NAG F . 21.30 49.77 14.94
O7 NAG F . 16.71 55.16 18.16
CA CA G . -12.22 9.24 -22.11
CA CA H . -12.16 7.21 -30.48
CA CA I . 6.68 2.80 -25.00
C1 NAG J . 8.97 -55.42 -8.17
C2 NAG J . 7.81 -56.34 -7.76
C3 NAG J . 7.80 -56.54 -6.24
C4 NAG J . 9.16 -56.99 -5.73
C5 NAG J . 10.24 -56.02 -6.19
C6 NAG J . 11.63 -56.45 -5.80
C7 NAG J . 5.62 -56.53 -8.87
C8 NAG J . 4.37 -55.82 -9.26
N2 NAG J . 6.54 -55.81 -8.22
O3 NAG J . 6.81 -57.51 -5.86
O4 NAG J . 9.17 -57.06 -4.31
O5 NAG J . 10.22 -55.93 -7.62
O6 NAG J . 12.61 -55.52 -6.23
O7 NAG J . 5.80 -57.73 -9.13
#